data_6G9U
#
_entry.id   6G9U
#
_cell.length_a   152.380
_cell.length_b   152.380
_cell.length_c   171.840
_cell.angle_alpha   90.00
_cell.angle_beta   90.00
_cell.angle_gamma   120.00
#
_symmetry.space_group_name_H-M   'H 3'
#
loop_
_entity.id
_entity.type
_entity.pdbx_description
1 polymer 'Carbonic anhydrase 9'
2 non-polymer 'ZINC ION'
3 non-polymer '4-[2-[3-(cyclooctylamino)-2,5,6-tris(fluoranyl)-4-sulfamoyl-phenyl]sulfanylethyl]benzoic acid'
4 water water
#
_entity_poly.entity_id   1
_entity_poly.type   'polypeptide(L)'
_entity_poly.pdbx_seq_one_letter_code
;GPDQSHWRYGGDPPWPRVSPACAGRFQSPVDIRPQLAAFSPALRPLELLGFQLPPLPELRLRNNGHSVQLTLPPGLEMAL
GPGREYRALQLHLHWGAAGRPGSEHTVEGHRFPAEIHVVHLSTAFARVDEALGRPGGLAVLAAFLEEGPEENSAYEQLLS
RLEEIAEEGSETQVPGLDISALLPSDFSRYFQYEGSLTTPPCAQGVIWTVFNQTVMLSAKQLHTLSDTLWGPGDSRLQLN
FRATQPLNGRVIEASFP
;
_entity_poly.pdbx_strand_id   A,B,C,D
#
# COMPACT_ATOMS: atom_id res chain seq x y z
N ARG A 17 -24.69 -7.06 -12.40
CA ARG A 17 -25.02 -5.94 -13.33
C ARG A 17 -24.16 -4.70 -13.08
N VAL A 18 -23.97 -4.34 -11.81
CA VAL A 18 -23.28 -3.09 -11.43
C VAL A 18 -21.83 -2.96 -11.92
N SER A 19 -21.11 -4.09 -12.08
CA SER A 19 -19.73 -4.07 -12.58
C SER A 19 -19.60 -4.75 -13.97
N PRO A 20 -19.39 -3.94 -15.04
CA PRO A 20 -19.33 -4.54 -16.39
C PRO A 20 -18.15 -5.51 -16.61
N ALA A 21 -17.08 -5.37 -15.84
CA ALA A 21 -15.93 -6.27 -15.99
C ALA A 21 -16.26 -7.73 -15.64
N CYS A 22 -17.30 -7.98 -14.81
CA CYS A 22 -17.73 -9.36 -14.50
C CYS A 22 -18.38 -10.07 -15.69
N ALA A 23 -18.61 -9.34 -16.79
CA ALA A 23 -19.13 -9.87 -18.04
C ALA A 23 -18.04 -9.90 -19.13
N GLY A 24 -16.77 -9.75 -18.74
CA GLY A 24 -15.66 -9.77 -19.69
C GLY A 24 -15.47 -11.15 -20.29
N ARG A 25 -14.75 -11.23 -21.40
CA ARG A 25 -14.58 -12.50 -22.09
C ARG A 25 -13.52 -13.41 -21.41
N PHE A 26 -12.66 -12.82 -20.57
CA PHE A 26 -11.46 -13.53 -20.05
C PHE A 26 -11.45 -13.51 -18.52
N GLN A 27 -12.39 -14.26 -17.96
CA GLN A 27 -12.67 -14.27 -16.53
C GLN A 27 -12.11 -15.52 -15.86
N SER A 28 -12.08 -15.47 -14.53
CA SER A 28 -11.64 -16.57 -13.67
C SER A 28 -12.76 -16.87 -12.71
N PRO A 29 -12.77 -18.05 -12.08
CA PRO A 29 -11.84 -19.15 -12.29
C PRO A 29 -12.20 -19.97 -13.54
N VAL A 30 -11.34 -20.95 -13.84
CA VAL A 30 -11.47 -21.78 -15.01
C VAL A 30 -11.26 -23.24 -14.64
N ASP A 31 -11.69 -24.10 -15.55
CA ASP A 31 -11.45 -25.53 -15.45
C ASP A 31 -10.13 -25.80 -16.15
N ILE A 32 -9.17 -26.32 -15.41
CA ILE A 32 -7.86 -26.66 -15.95
C ILE A 32 -7.92 -28.07 -16.52
N ARG A 33 -7.63 -28.16 -17.82
CA ARG A 33 -7.51 -29.43 -18.51
C ARG A 33 -6.05 -29.64 -18.85
N PRO A 34 -5.32 -30.43 -18.02
CA PRO A 34 -3.88 -30.47 -18.20
C PRO A 34 -3.42 -30.94 -19.58
N GLN A 35 -4.22 -31.79 -20.23
CA GLN A 35 -3.87 -32.24 -21.59
C GLN A 35 -3.89 -31.13 -22.64
N LEU A 36 -4.70 -30.10 -22.42
CA LEU A 36 -4.77 -28.96 -23.30
C LEU A 36 -3.86 -27.81 -22.85
N ALA A 37 -3.12 -27.96 -21.74
CA ALA A 37 -2.18 -26.90 -21.32
C ALA A 37 -0.93 -26.94 -22.18
N ALA A 38 -0.32 -25.78 -22.38
CA ALA A 38 0.86 -25.65 -23.18
C ALA A 38 2.09 -25.71 -22.29
N PHE A 39 2.96 -26.69 -22.51
CA PHE A 39 4.25 -26.71 -21.83
C PHE A 39 5.09 -25.54 -22.26
N SER A 40 5.51 -24.72 -21.29
CA SER A 40 6.31 -23.55 -21.55
C SER A 40 7.54 -23.62 -20.62
N PRO A 41 8.71 -23.98 -21.17
CA PRO A 41 9.88 -24.07 -20.28
C PRO A 41 10.48 -22.74 -19.81
N ALA A 42 9.92 -21.61 -20.25
CA ALA A 42 10.28 -20.31 -19.68
C ALA A 42 9.72 -20.14 -18.25
N LEU A 43 8.75 -20.97 -17.85
CA LEU A 43 8.14 -20.90 -16.51
C LEU A 43 9.05 -21.58 -15.49
N ARG A 44 9.79 -20.74 -14.77
CA ARG A 44 10.77 -21.20 -13.81
C ARG A 44 10.14 -21.28 -12.43
N PRO A 45 10.85 -21.87 -11.46
CA PRO A 45 10.26 -21.97 -10.12
C PRO A 45 9.97 -20.58 -9.53
N LEU A 46 8.85 -20.48 -8.85
CA LEU A 46 8.43 -19.23 -8.20
C LEU A 46 9.42 -18.94 -7.06
N GLU A 47 9.68 -17.66 -6.82
CA GLU A 47 10.60 -17.26 -5.75
C GLU A 47 9.89 -16.32 -4.79
N LEU A 48 9.98 -16.66 -3.50
CA LEU A 48 9.37 -15.87 -2.43
C LEU A 48 10.45 -15.38 -1.51
N LEU A 49 10.36 -14.13 -1.11
CA LEU A 49 11.33 -13.57 -0.16
C LEU A 49 10.57 -12.82 0.92
N GLY A 50 10.98 -13.02 2.17
CA GLY A 50 10.37 -12.27 3.28
C GLY A 50 9.07 -12.85 3.79
N PHE A 51 8.70 -14.06 3.36
CA PHE A 51 7.45 -14.67 3.79
C PHE A 51 7.51 -15.26 5.22
N GLN A 52 8.73 -15.50 5.73
CA GLN A 52 8.91 -16.05 7.06
C GLN A 52 8.90 -14.90 8.07
N LEU A 53 7.73 -14.61 8.59
CA LEU A 53 7.53 -13.44 9.43
C LEU A 53 7.87 -13.70 10.88
N PRO A 54 8.32 -12.65 11.59
CA PRO A 54 8.42 -12.67 13.03
C PRO A 54 7.01 -12.59 13.65
N PRO A 55 6.85 -12.99 14.92
CA PRO A 55 5.53 -13.00 15.57
C PRO A 55 4.90 -11.60 15.71
N LEU A 56 5.73 -10.59 15.95
CA LEU A 56 5.30 -9.19 16.03
C LEU A 56 5.96 -8.39 14.91
N PRO A 57 5.25 -7.43 14.29
CA PRO A 57 3.85 -7.05 14.60
C PRO A 57 2.85 -8.10 14.15
N GLU A 58 1.72 -8.14 14.86
CA GLU A 58 0.63 -9.01 14.50
C GLU A 58 -0.04 -8.59 13.19
N LEU A 59 -0.74 -9.55 12.59
CA LEU A 59 -1.49 -9.36 11.38
C LEU A 59 -2.99 -9.37 11.66
N ARG A 60 -3.75 -8.78 10.77
CA ARG A 60 -5.20 -8.74 10.92
C ARG A 60 -5.92 -9.78 10.07
N LEU A 61 -6.72 -10.61 10.75
CA LEU A 61 -7.47 -11.71 10.19
C LEU A 61 -8.94 -11.31 10.26
N ARG A 62 -9.58 -11.20 9.11
CA ARG A 62 -10.93 -10.60 9.04
C ARG A 62 -11.92 -11.49 8.32
N ASN A 63 -13.11 -11.63 8.92
CA ASN A 63 -14.25 -12.19 8.25
C ASN A 63 -14.92 -11.02 7.55
N ASN A 64 -14.74 -10.92 6.23
CA ASN A 64 -15.32 -9.79 5.49
C ASN A 64 -16.73 -10.08 4.97
N GLY A 65 -17.31 -11.23 5.34
CA GLY A 65 -18.63 -11.64 4.89
C GLY A 65 -18.66 -12.44 3.60
N HIS A 66 -17.59 -12.36 2.82
CA HIS A 66 -17.44 -13.16 1.58
C HIS A 66 -16.30 -14.19 1.67
N SER A 67 -15.34 -13.95 2.55
CA SER A 67 -14.21 -14.84 2.76
C SER A 67 -13.58 -14.49 4.11
N VAL A 68 -12.58 -15.27 4.51
CA VAL A 68 -11.69 -14.89 5.60
C VAL A 68 -10.39 -14.45 4.93
N GLN A 69 -9.90 -13.28 5.32
CA GLN A 69 -8.72 -12.67 4.72
C GLN A 69 -7.68 -12.41 5.80
N LEU A 70 -6.41 -12.55 5.43
CA LEU A 70 -5.30 -12.13 6.27
C LEU A 70 -4.54 -11.06 5.50
N THR A 71 -4.47 -9.87 6.09
CA THR A 71 -3.74 -8.77 5.47
C THR A 71 -2.26 -8.93 5.78
N LEU A 72 -1.43 -8.78 4.74
CA LEU A 72 -0.01 -9.06 4.85
C LEU A 72 0.78 -7.77 5.03
N PRO A 73 1.87 -7.83 5.80
CA PRO A 73 2.69 -6.63 6.02
C PRO A 73 3.55 -6.29 4.82
N PRO A 74 4.14 -5.09 4.83
CA PRO A 74 5.13 -4.80 3.79
C PRO A 74 6.33 -5.74 3.92
N GLY A 75 7.12 -5.97 2.58
CA GLY A 75 8.39 -6.71 2.61
C GLY A 75 8.23 -8.14 2.12
N LEU A 76 7.04 -8.53 1.67
CA LEU A 76 6.88 -9.89 1.13
C LEU A 76 6.99 -9.78 -0.37
N GLU A 77 8.10 -10.28 -0.92
CA GLU A 77 8.38 -10.16 -2.35
C GLU A 77 8.20 -11.51 -3.02
N MET A 78 7.62 -11.50 -4.22
CA MET A 78 7.39 -12.69 -4.99
C MET A 78 7.81 -12.39 -6.41
N ALA A 79 8.46 -13.35 -7.06
CA ALA A 79 8.79 -13.21 -8.48
C ALA A 79 8.24 -14.38 -9.28
N LEU A 80 7.57 -14.07 -10.39
CA LEU A 80 7.12 -15.11 -11.34
C LEU A 80 8.21 -15.51 -12.26
N GLY A 81 9.24 -14.69 -12.31
CA GLY A 81 10.39 -14.93 -13.11
C GLY A 81 11.27 -13.71 -12.91
N PRO A 82 12.64 -13.78 -13.68
CA PRO A 82 13.53 -12.63 -13.71
C PRO A 82 12.77 -11.42 -14.27
N GLY A 83 12.74 -10.33 -13.53
CA GLY A 83 12.05 -9.11 -13.95
C GLY A 83 10.54 -9.05 -13.79
N ARG A 84 9.92 -10.09 -13.19
CA ARG A 84 8.45 -10.17 -13.03
C ARG A 84 8.19 -10.16 -11.51
N GLU A 85 8.33 -8.96 -10.91
CA GLU A 85 8.35 -8.81 -9.45
C GLU A 85 7.08 -8.23 -8.88
N TYR A 86 6.71 -8.77 -7.73
CA TYR A 86 5.44 -8.48 -7.04
C TYR A 86 5.66 -8.33 -5.54
N ARG A 87 4.70 -7.68 -4.89
CA ARG A 87 4.63 -7.58 -3.44
C ARG A 87 3.32 -8.15 -2.94
N ALA A 88 3.36 -8.97 -1.90
CA ALA A 88 2.15 -9.62 -1.42
C ALA A 88 1.31 -8.60 -0.63
N LEU A 89 0.00 -8.62 -0.87
CA LEU A 89 -0.98 -7.77 -0.19
C LEU A 89 -1.80 -8.46 0.87
N GLN A 90 -2.29 -9.64 0.55
CA GLN A 90 -3.32 -10.28 1.28
C GLN A 90 -3.40 -11.75 0.84
N LEU A 91 -3.91 -12.58 1.72
CA LEU A 91 -4.40 -13.91 1.34
C LEU A 91 -5.82 -14.16 1.86
N HIS A 92 -6.54 -15.06 1.22
CA HIS A 92 -7.87 -15.41 1.62
C HIS A 92 -8.20 -16.80 1.11
N LEU A 93 -9.34 -17.33 1.53
CA LEU A 93 -9.74 -18.71 1.24
C LEU A 93 -11.11 -18.81 0.57
N HIS A 94 -11.28 -19.89 -0.19
CA HIS A 94 -12.58 -20.23 -0.73
C HIS A 94 -12.82 -21.69 -0.34
N TRP A 95 -14.06 -21.99 0.04
CA TRP A 95 -14.40 -23.30 0.61
C TRP A 95 -15.86 -23.68 0.35
N GLY A 96 -16.21 -24.92 0.67
CA GLY A 96 -17.55 -25.44 0.38
C GLY A 96 -18.41 -25.57 1.64
N ALA A 97 -18.85 -26.79 1.90
CA ALA A 97 -19.73 -27.10 3.04
C ALA A 97 -19.61 -28.59 3.32
N ALA A 98 -20.30 -29.08 4.35
CA ALA A 98 -20.29 -30.51 4.69
C ALA A 98 -20.57 -31.36 3.45
N GLY A 99 -19.61 -32.21 3.11
CA GLY A 99 -19.70 -33.05 1.90
C GLY A 99 -19.84 -32.34 0.57
N ARG A 100 -19.49 -31.05 0.49
CA ARG A 100 -19.55 -30.31 -0.78
C ARG A 100 -18.24 -29.56 -0.96
N PRO A 101 -17.52 -29.85 -2.05
CA PRO A 101 -16.25 -29.13 -2.24
C PRO A 101 -16.49 -27.66 -2.66
N GLY A 102 -15.49 -26.81 -2.46
CA GLY A 102 -15.62 -25.39 -2.78
C GLY A 102 -14.38 -24.66 -3.27
N SER A 103 -13.45 -25.37 -3.91
CA SER A 103 -12.42 -24.68 -4.66
C SER A 103 -13.03 -23.86 -5.80
N GLU A 104 -12.33 -22.81 -6.23
CA GLU A 104 -12.73 -22.01 -7.40
C GLU A 104 -12.30 -22.64 -8.71
N HIS A 105 -11.01 -22.91 -8.84
CA HIS A 105 -10.51 -23.64 -9.98
C HIS A 105 -10.90 -25.11 -9.86
N THR A 106 -11.07 -25.76 -11.00
CA THR A 106 -11.30 -27.20 -11.06
C THR A 106 -10.22 -27.81 -11.96
N VAL A 107 -10.02 -29.11 -11.83
CA VAL A 107 -9.07 -29.80 -12.70
C VAL A 107 -9.84 -30.98 -13.32
N GLU A 108 -10.02 -30.92 -14.64
CA GLU A 108 -10.84 -31.91 -15.38
C GLU A 108 -12.22 -32.10 -14.73
N GLY A 109 -12.83 -30.99 -14.34
CA GLY A 109 -14.15 -31.01 -13.71
C GLY A 109 -14.17 -31.35 -12.24
N HIS A 110 -13.03 -31.74 -11.65
CA HIS A 110 -12.95 -32.08 -10.22
C HIS A 110 -12.80 -30.80 -9.42
N ARG A 111 -13.68 -30.62 -8.44
CA ARG A 111 -13.59 -29.52 -7.48
C ARG A 111 -12.95 -30.03 -6.21
N PHE A 112 -11.99 -29.28 -5.66
CA PHE A 112 -11.28 -29.67 -4.46
C PHE A 112 -11.96 -29.07 -3.24
N PRO A 113 -11.68 -29.59 -2.04
CA PRO A 113 -12.40 -29.09 -0.86
C PRO A 113 -12.33 -27.58 -0.64
N ALA A 114 -11.14 -27.01 -0.81
CA ALA A 114 -11.01 -25.56 -0.64
C ALA A 114 -9.82 -25.03 -1.44
N GLU A 115 -9.59 -23.71 -1.40
CA GLU A 115 -8.53 -23.09 -2.17
C GLU A 115 -8.01 -21.84 -1.46
N ILE A 116 -6.69 -21.70 -1.43
CA ILE A 116 -6.04 -20.48 -0.91
C ILE A 116 -5.58 -19.59 -2.07
N HIS A 117 -5.82 -18.29 -1.93
CA HIS A 117 -5.34 -17.28 -2.86
C HIS A 117 -4.44 -16.26 -2.14
N VAL A 118 -3.22 -16.09 -2.63
CA VAL A 118 -2.31 -15.06 -2.13
C VAL A 118 -2.17 -14.01 -3.24
N VAL A 119 -2.68 -12.81 -2.96
CA VAL A 119 -2.81 -11.76 -3.96
C VAL A 119 -1.65 -10.78 -3.84
N HIS A 120 -1.04 -10.47 -4.98
CA HIS A 120 0.15 -9.63 -5.07
C HIS A 120 -0.05 -8.46 -6.07
N LEU A 121 0.70 -7.40 -5.86
CA LEU A 121 0.70 -6.20 -6.67
C LEU A 121 2.07 -6.05 -7.33
N SER A 122 2.09 -5.85 -8.64
CA SER A 122 3.30 -5.56 -9.37
C SER A 122 4.07 -4.41 -8.72
N THR A 123 5.39 -4.53 -8.63
CA THR A 123 6.24 -3.51 -8.00
C THR A 123 6.22 -2.23 -8.81
N ALA A 124 5.53 -2.22 -10.27
CA ALA A 124 5.43 -1.00 -11.08
C ALA A 124 4.32 -0.10 -10.57
N PHE A 125 3.47 -0.60 -9.67
CA PHE A 125 2.32 0.13 -9.19
C PHE A 125 2.37 0.32 -7.68
N ALA A 126 2.07 1.54 -7.23
CA ALA A 126 1.98 1.85 -5.81
C ALA A 126 0.65 1.43 -5.18
N ARG A 127 -0.41 1.36 -5.96
CA ARG A 127 -1.75 1.07 -5.41
C ARG A 127 -2.48 0.07 -6.27
N VAL A 128 -3.35 -0.71 -5.63
CA VAL A 128 -4.22 -1.64 -6.32
C VAL A 128 -5.06 -0.98 -7.42
N ASP A 129 -5.65 0.18 -7.13
CA ASP A 129 -6.53 0.80 -8.11
C ASP A 129 -5.80 1.16 -9.41
N GLU A 130 -4.49 1.43 -9.35
CA GLU A 130 -3.69 1.65 -10.58
C GLU A 130 -3.44 0.38 -11.41
N ALA A 131 -3.41 -0.76 -10.74
CA ALA A 131 -3.09 -2.05 -11.34
C ALA A 131 -4.28 -2.72 -11.93
N LEU A 132 -5.49 -2.42 -11.43
CA LEU A 132 -6.70 -3.13 -11.86
C LEU A 132 -6.90 -2.98 -13.34
N GLY A 133 -7.10 -4.11 -14.02
CA GLY A 133 -7.25 -4.10 -15.47
C GLY A 133 -5.99 -3.87 -16.30
N ARG A 134 -4.83 -3.68 -15.67
CA ARG A 134 -3.57 -3.50 -16.40
C ARG A 134 -2.88 -4.87 -16.51
N PRO A 135 -2.27 -5.16 -17.67
CA PRO A 135 -1.69 -6.52 -17.85
C PRO A 135 -0.63 -6.80 -16.81
N GLY A 136 -0.81 -7.90 -16.09
CA GLY A 136 0.18 -8.28 -15.08
C GLY A 136 0.22 -7.41 -13.86
N GLY A 137 -0.74 -6.48 -13.70
CA GLY A 137 -0.75 -5.60 -12.55
C GLY A 137 -0.94 -6.32 -11.23
N LEU A 138 -1.79 -7.35 -11.25
CA LEU A 138 -2.04 -8.21 -10.10
C LEU A 138 -1.65 -9.63 -10.46
N ALA A 139 -1.11 -10.34 -9.50
CA ALA A 139 -0.80 -11.77 -9.64
C ALA A 139 -1.30 -12.52 -8.43
N VAL A 140 -1.95 -13.67 -8.65
CA VAL A 140 -2.48 -14.48 -7.57
C VAL A 140 -1.79 -15.84 -7.59
N LEU A 141 -1.32 -16.28 -6.42
CA LEU A 141 -0.88 -17.67 -6.21
C LEU A 141 -2.03 -18.45 -5.62
N ALA A 142 -2.38 -19.57 -6.28
CA ALA A 142 -3.51 -20.37 -5.88
C ALA A 142 -3.08 -21.81 -5.62
N ALA A 143 -3.50 -22.36 -4.49
CA ALA A 143 -3.29 -23.77 -4.19
C ALA A 143 -4.58 -24.41 -3.67
N PHE A 144 -4.79 -25.65 -4.07
CA PHE A 144 -5.93 -26.41 -3.60
C PHE A 144 -5.62 -26.93 -2.21
N LEU A 145 -6.65 -26.97 -1.36
CA LEU A 145 -6.59 -27.59 -0.04
C LEU A 145 -7.38 -28.91 -0.09
N GLU A 146 -6.73 -29.99 0.35
CA GLU A 146 -7.29 -31.34 0.40
C GLU A 146 -7.15 -31.91 1.80
N GLU A 147 -7.87 -33.00 2.05
CA GLU A 147 -7.79 -33.70 3.31
C GLU A 147 -6.52 -34.53 3.39
N GLY A 148 -5.73 -34.33 4.45
CA GLY A 148 -4.65 -35.21 4.83
C GLY A 148 -4.84 -35.75 6.23
N PRO A 149 -3.93 -36.62 6.67
CA PRO A 149 -4.05 -37.28 7.97
C PRO A 149 -3.66 -36.45 9.19
N GLU A 150 -2.87 -35.39 9.00
CA GLU A 150 -2.27 -34.64 10.10
C GLU A 150 -2.87 -33.25 10.18
N GLU A 151 -2.91 -32.72 11.38
CA GLU A 151 -3.26 -31.32 11.57
C GLU A 151 -2.16 -30.46 10.94
N ASN A 152 -2.53 -29.52 10.09
CA ASN A 152 -1.56 -28.66 9.45
C ASN A 152 -1.28 -27.51 10.41
N SER A 153 -0.07 -27.46 10.94
CA SER A 153 0.21 -26.51 12.03
C SER A 153 0.17 -25.03 11.59
N ALA A 154 0.58 -24.71 10.35
CA ALA A 154 0.50 -23.34 9.87
C ALA A 154 -0.96 -22.91 9.74
N TYR A 155 -1.80 -23.75 9.10
CA TYR A 155 -3.22 -23.47 9.01
C TYR A 155 -3.89 -23.35 10.37
N GLU A 156 -3.46 -24.17 11.34
CA GLU A 156 -4.07 -24.16 12.67
C GLU A 156 -3.98 -22.79 13.34
N GLN A 157 -2.91 -22.07 13.04
CA GLN A 157 -2.76 -20.71 13.59
C GLN A 157 -3.89 -19.76 13.19
N LEU A 158 -4.44 -19.95 12.00
CA LEU A 158 -5.54 -19.15 11.54
C LEU A 158 -6.87 -19.79 11.89
N LEU A 159 -6.98 -21.10 11.66
CA LEU A 159 -8.25 -21.79 11.83
C LEU A 159 -8.70 -21.80 13.30
N SER A 160 -7.75 -21.83 14.23
CA SER A 160 -8.04 -21.80 15.67
C SER A 160 -8.61 -20.44 16.11
N ARG A 161 -8.54 -19.44 15.24
CA ARG A 161 -9.07 -18.11 15.53
C ARG A 161 -10.39 -17.80 14.84
N LEU A 162 -10.96 -18.71 14.04
CA LEU A 162 -12.19 -18.41 13.31
C LEU A 162 -13.39 -18.18 14.21
N GLU A 163 -13.44 -18.89 15.34
CA GLU A 163 -14.54 -18.74 16.28
C GLU A 163 -14.63 -17.28 16.78
N GLU A 164 -13.49 -16.64 16.99
CA GLU A 164 -13.42 -15.22 17.39
C GLU A 164 -13.99 -14.26 16.36
N ILE A 165 -13.95 -14.67 15.08
CA ILE A 165 -14.45 -13.85 13.99
C ILE A 165 -15.65 -14.47 13.26
N ALA A 166 -16.48 -15.24 13.98
CA ALA A 166 -17.66 -15.86 13.37
C ALA A 166 -18.59 -14.85 12.73
N GLU A 167 -18.80 -13.72 13.41
CA GLU A 167 -19.70 -12.69 12.91
C GLU A 167 -19.15 -12.02 11.65
N GLU A 168 -20.01 -11.82 10.65
CA GLU A 168 -19.70 -10.99 9.49
C GLU A 168 -19.11 -9.65 9.90
N GLY A 169 -18.02 -9.23 9.24
CA GLY A 169 -17.35 -7.97 9.54
C GLY A 169 -16.45 -7.91 10.77
N SER A 170 -16.22 -9.04 11.43
CA SER A 170 -15.38 -9.04 12.62
C SER A 170 -13.93 -9.35 12.25
N GLU A 171 -13.00 -8.96 13.11
CA GLU A 171 -11.58 -9.28 12.87
C GLU A 171 -10.85 -9.49 14.17
N THR A 172 -9.66 -10.05 14.03
CA THR A 172 -8.81 -10.36 15.16
C THR A 172 -7.34 -10.26 14.74
N GLN A 173 -6.46 -9.96 15.70
CA GLN A 173 -5.04 -9.92 15.41
C GLN A 173 -4.46 -11.31 15.69
N VAL A 174 -3.57 -11.73 14.81
CA VAL A 174 -2.85 -13.00 14.96
C VAL A 174 -1.33 -12.76 14.82
N PRO A 175 -0.51 -13.53 15.53
CA PRO A 175 0.93 -13.37 15.33
C PRO A 175 1.38 -13.67 13.91
N GLY A 176 2.43 -13.01 13.48
CA GLY A 176 3.09 -13.38 12.21
C GLY A 176 3.53 -14.83 12.24
N LEU A 177 3.56 -15.42 11.05
CA LEU A 177 3.93 -16.83 10.88
C LEU A 177 4.62 -16.96 9.55
N ASP A 178 5.11 -18.16 9.25
CA ASP A 178 5.65 -18.42 7.91
C ASP A 178 4.51 -18.56 6.93
N ILE A 179 4.25 -17.49 6.19
CA ILE A 179 3.19 -17.45 5.20
C ILE A 179 3.43 -18.50 4.10
N SER A 180 4.69 -18.76 3.76
CA SER A 180 5.03 -19.78 2.76
C SER A 180 4.62 -21.21 3.21
N ALA A 181 4.45 -21.42 4.52
CA ALA A 181 3.97 -22.72 5.02
C ALA A 181 2.49 -22.96 4.76
N LEU A 182 1.77 -21.94 4.28
CA LEU A 182 0.39 -22.11 3.83
C LEU A 182 0.30 -22.55 2.37
N LEU A 183 1.44 -22.63 1.68
CA LEU A 183 1.47 -23.00 0.29
C LEU A 183 2.20 -24.33 0.14
N PRO A 184 2.04 -25.01 -1.01
CA PRO A 184 2.76 -26.25 -1.27
C PRO A 184 4.27 -26.06 -1.25
N SER A 185 5.02 -27.13 -0.97
CA SER A 185 6.49 -27.01 -0.97
C SER A 185 7.08 -26.97 -2.40
N ASP A 186 6.33 -27.48 -3.36
CA ASP A 186 6.80 -27.56 -4.76
C ASP A 186 6.42 -26.27 -5.48
N PHE A 187 7.39 -25.39 -5.64
CA PHE A 187 7.21 -24.13 -6.37
C PHE A 187 7.57 -24.23 -7.86
N SER A 188 7.91 -25.44 -8.33
CA SER A 188 8.34 -25.69 -9.71
C SER A 188 7.21 -26.07 -10.67
N ARG A 189 6.16 -26.71 -10.18
CA ARG A 189 5.16 -27.35 -11.04
C ARG A 189 3.86 -26.60 -10.84
N TYR A 190 3.46 -25.90 -11.89
CA TYR A 190 2.27 -25.05 -11.79
C TYR A 190 1.69 -24.77 -13.17
N PHE A 191 0.41 -24.39 -13.16
CA PHE A 191 -0.29 -23.88 -14.32
C PHE A 191 -0.30 -22.36 -14.22
N GLN A 192 -0.28 -21.68 -15.36
CA GLN A 192 -0.38 -20.23 -15.35
C GLN A 192 -1.26 -19.73 -16.49
N TYR A 193 -2.15 -18.77 -16.21
CA TYR A 193 -3.00 -18.20 -17.26
C TYR A 193 -3.37 -16.78 -16.87
N GLU A 194 -3.85 -16.02 -17.85
CA GLU A 194 -4.36 -14.68 -17.57
C GLU A 194 -5.87 -14.63 -17.47
N GLY A 195 -6.37 -14.05 -16.37
CA GLY A 195 -7.77 -13.98 -16.09
C GLY A 195 -8.14 -12.77 -15.27
N SER A 196 -9.03 -12.97 -14.31
CA SER A 196 -9.66 -11.85 -13.62
C SER A 196 -9.74 -12.10 -12.15
N LEU A 197 -10.13 -11.06 -11.40
CA LEU A 197 -10.58 -11.24 -10.05
C LEU A 197 -11.88 -12.03 -10.09
N THR A 198 -12.18 -12.75 -9.01
CA THR A 198 -13.39 -13.59 -8.97
C THR A 198 -14.46 -13.01 -8.07
N THR A 199 -14.31 -11.73 -7.76
CA THR A 199 -15.28 -10.96 -7.02
C THR A 199 -15.32 -9.60 -7.71
N PRO A 200 -16.45 -8.87 -7.64
CA PRO A 200 -16.49 -7.54 -8.24
C PRO A 200 -15.33 -6.68 -7.72
N PRO A 201 -14.64 -5.92 -8.57
CA PRO A 201 -15.03 -5.59 -9.95
C PRO A 201 -14.61 -6.57 -11.06
N CYS A 202 -14.12 -7.76 -10.74
CA CYS A 202 -13.76 -8.78 -11.74
C CYS A 202 -12.80 -8.26 -12.81
N ALA A 203 -11.92 -7.36 -12.42
CA ALA A 203 -10.99 -6.76 -13.36
C ALA A 203 -10.11 -7.81 -14.01
N GLN A 204 -9.87 -7.67 -15.30
CA GLN A 204 -9.02 -8.60 -16.05
C GLN A 204 -7.53 -8.21 -15.94
N GLY A 205 -6.66 -8.96 -16.61
CA GLY A 205 -5.22 -8.71 -16.52
C GLY A 205 -4.51 -9.36 -15.33
N VAL A 206 -5.21 -10.25 -14.64
CA VAL A 206 -4.68 -10.89 -13.42
C VAL A 206 -3.92 -12.13 -13.86
N ILE A 207 -2.65 -12.24 -13.45
CA ILE A 207 -1.90 -13.47 -13.72
CA ILE A 207 -1.87 -13.47 -13.71
C ILE A 207 -2.17 -14.47 -12.60
N TRP A 208 -2.81 -15.59 -12.96
CA TRP A 208 -3.13 -16.66 -12.03
C TRP A 208 -2.08 -17.76 -12.17
N THR A 209 -1.51 -18.15 -11.03
CA THR A 209 -0.61 -19.29 -10.95
C THR A 209 -1.24 -20.30 -10.02
N VAL A 210 -1.48 -21.53 -10.51
CA VAL A 210 -2.16 -22.57 -9.77
C VAL A 210 -1.20 -23.74 -9.62
N PHE A 211 -0.82 -24.02 -8.37
CA PHE A 211 0.16 -25.08 -8.05
C PHE A 211 -0.37 -26.46 -8.42
N ASN A 212 0.52 -27.32 -8.94
CA ASN A 212 0.22 -28.76 -9.20
C ASN A 212 -0.03 -29.49 -7.85
N GLN A 213 0.91 -29.29 -6.95
CA GLN A 213 0.86 -29.90 -5.60
C GLN A 213 -0.21 -29.22 -4.72
N THR A 214 -0.95 -30.03 -3.98
CA THR A 214 -1.95 -29.51 -3.05
C THR A 214 -1.40 -29.41 -1.63
N VAL A 215 -2.10 -28.65 -0.80
CA VAL A 215 -1.80 -28.53 0.62
C VAL A 215 -2.81 -29.37 1.41
N MET A 216 -2.33 -30.02 2.47
CA MET A 216 -3.16 -30.96 3.26
C MET A 216 -3.62 -30.35 4.59
N LEU A 217 -4.93 -30.41 4.85
CA LEU A 217 -5.50 -30.03 6.15
C LEU A 217 -6.22 -31.28 6.71
N SER A 218 -6.35 -31.37 8.03
CA SER A 218 -7.13 -32.45 8.64
C SER A 218 -8.60 -32.28 8.35
N ALA A 219 -9.35 -33.38 8.45
CA ALA A 219 -10.82 -33.28 8.30
C ALA A 219 -11.41 -32.26 9.28
N LYS A 220 -10.91 -32.25 10.51
CA LYS A 220 -11.40 -31.34 11.52
C LYS A 220 -11.12 -29.88 11.09
N GLN A 221 -9.95 -29.66 10.53
CA GLN A 221 -9.60 -28.32 10.00
C GLN A 221 -10.50 -27.88 8.88
N LEU A 222 -10.78 -28.79 7.94
CA LEU A 222 -11.68 -28.45 6.84
C LEU A 222 -13.11 -28.16 7.32
N HIS A 223 -13.58 -28.94 8.29
CA HIS A 223 -14.88 -28.68 8.91
C HIS A 223 -14.88 -27.30 9.64
N THR A 224 -13.83 -27.00 10.37
CA THR A 224 -13.71 -25.71 11.07
C THR A 224 -13.84 -24.54 10.08
N LEU A 225 -13.12 -24.66 8.96
CA LEU A 225 -13.15 -23.66 7.90
C LEU A 225 -14.55 -23.43 7.35
N SER A 226 -15.30 -24.50 7.10
CA SER A 226 -16.61 -24.37 6.42
C SER A 226 -17.80 -24.17 7.37
N ASP A 227 -17.62 -24.44 8.67
CA ASP A 227 -18.73 -24.46 9.63
C ASP A 227 -18.69 -23.35 10.67
N THR A 228 -17.68 -22.48 10.66
CA THR A 228 -17.50 -21.53 11.74
C THR A 228 -17.99 -20.11 11.42
N LEU A 229 -17.81 -19.65 10.18
CA LEU A 229 -18.02 -18.25 9.84
C LEU A 229 -19.44 -18.00 9.33
N TRP A 230 -19.95 -16.82 9.63
CA TRP A 230 -21.28 -16.38 9.18
C TRP A 230 -21.11 -15.18 8.24
N GLY A 231 -22.03 -15.05 7.28
CA GLY A 231 -21.97 -14.00 6.29
C GLY A 231 -23.18 -13.09 6.36
N PRO A 232 -23.51 -12.41 5.24
CA PRO A 232 -24.70 -11.56 5.18
C PRO A 232 -25.95 -12.41 4.95
N GLY A 233 -27.22 -10.89 7.08
CA GLY A 233 -28.26 -11.87 7.40
C GLY A 233 -27.75 -12.93 8.36
N ASP A 234 -28.57 -13.96 8.57
CA ASP A 234 -28.23 -15.07 9.45
C ASP A 234 -27.90 -16.30 8.60
N SER A 235 -26.95 -16.14 7.68
CA SER A 235 -26.54 -17.22 6.75
C SER A 235 -25.08 -17.63 7.02
N ARG A 236 -24.81 -18.92 6.89
CA ARG A 236 -23.47 -19.46 7.02
C ARG A 236 -22.61 -19.02 5.84
N LEU A 237 -21.36 -18.66 6.09
CA LEU A 237 -20.42 -18.36 5.03
C LEU A 237 -19.85 -19.68 4.51
N GLN A 238 -20.43 -20.15 3.42
CA GLN A 238 -20.12 -21.44 2.82
C GLN A 238 -20.25 -21.30 1.33
N LEU A 239 -19.61 -22.22 0.59
CA LEU A 239 -19.76 -22.32 -0.86
C LEU A 239 -19.41 -20.98 -1.52
N ASN A 240 -18.37 -20.32 -1.01
CA ASN A 240 -18.02 -18.98 -1.44
C ASN A 240 -17.03 -19.02 -2.62
N PHE A 241 -17.43 -19.70 -3.68
CA PHE A 241 -16.65 -19.81 -4.90
C PHE A 241 -17.49 -19.37 -6.08
N ARG A 242 -16.84 -18.77 -7.06
CA ARG A 242 -17.51 -18.36 -8.30
C ARG A 242 -17.56 -19.53 -9.27
N ALA A 243 -18.63 -19.61 -10.06
CA ALA A 243 -18.75 -20.64 -11.08
C ALA A 243 -17.62 -20.52 -12.10
N THR A 244 -17.25 -21.68 -12.62
CA THR A 244 -16.27 -21.83 -13.67
C THR A 244 -16.62 -20.98 -14.89
N GLN A 245 -15.62 -20.30 -15.42
CA GLN A 245 -15.75 -19.41 -16.57
C GLN A 245 -15.05 -20.04 -17.77
N PRO A 246 -15.60 -19.84 -18.98
CA PRO A 246 -14.97 -20.48 -20.14
C PRO A 246 -13.61 -19.89 -20.49
N LEU A 247 -12.67 -20.72 -20.95
CA LEU A 247 -11.36 -20.18 -21.36
C LEU A 247 -11.48 -19.24 -22.56
N ASN A 248 -12.46 -19.49 -23.42
CA ASN A 248 -12.73 -18.55 -24.54
C ASN A 248 -11.50 -18.30 -25.43
N GLY A 249 -10.72 -19.36 -25.65
CA GLY A 249 -9.55 -19.31 -26.52
C GLY A 249 -8.20 -19.10 -25.85
N ARG A 250 -8.21 -18.70 -24.57
CA ARG A 250 -6.96 -18.60 -23.81
C ARG A 250 -6.38 -20.00 -23.70
N VAL A 251 -5.06 -20.07 -23.66
CA VAL A 251 -4.35 -21.33 -23.50
C VAL A 251 -3.67 -21.26 -22.13
N ILE A 252 -3.96 -22.22 -21.25
CA ILE A 252 -3.31 -22.32 -19.94
C ILE A 252 -1.91 -22.87 -20.19
N GLU A 253 -0.90 -22.25 -19.58
CA GLU A 253 0.47 -22.76 -19.66
C GLU A 253 0.78 -23.65 -18.46
N ALA A 254 1.70 -24.59 -18.67
CA ALA A 254 2.19 -25.45 -17.62
C ALA A 254 3.70 -25.37 -17.60
N SER A 255 4.27 -25.42 -16.40
CA SER A 255 5.71 -25.36 -16.25
C SER A 255 6.36 -26.75 -16.39
N PHE A 256 5.57 -27.75 -16.76
CA PHE A 256 6.05 -29.13 -16.90
C PHE A 256 5.30 -29.77 -18.07
N PRO A 257 5.93 -30.73 -18.76
CA PRO A 257 5.30 -31.37 -19.92
C PRO A 257 4.28 -32.42 -19.50
N ARG B 17 24.99 8.07 -16.86
CA ARG B 17 25.30 9.44 -16.35
C ARG B 17 24.01 10.25 -16.16
N VAL B 18 23.26 10.40 -17.25
CA VAL B 18 21.99 11.16 -17.25
C VAL B 18 20.78 10.26 -16.91
N SER B 19 20.84 8.98 -17.31
CA SER B 19 19.74 8.04 -17.16
C SER B 19 20.20 6.76 -16.47
N PRO B 20 20.03 6.68 -15.13
CA PRO B 20 20.48 5.48 -14.42
C PRO B 20 19.68 4.24 -14.80
N ALA B 21 18.47 4.41 -15.33
CA ALA B 21 17.68 3.28 -15.78
C ALA B 21 18.38 2.47 -16.88
N CYS B 22 19.28 3.12 -17.62
CA CYS B 22 20.06 2.43 -18.67
C CYS B 22 21.03 1.37 -18.12
N ALA B 23 21.30 1.39 -16.81
CA ALA B 23 22.08 0.36 -16.13
C ALA B 23 21.18 -0.61 -15.37
N GLY B 24 19.88 -0.63 -15.68
CA GLY B 24 18.96 -1.62 -15.15
C GLY B 24 19.34 -3.05 -15.55
N ARG B 25 18.76 -4.03 -14.87
CA ARG B 25 19.07 -5.45 -15.07
C ARG B 25 18.43 -6.09 -16.32
N PHE B 26 17.34 -5.48 -16.82
CA PHE B 26 16.51 -6.12 -17.86
C PHE B 26 16.33 -5.22 -19.07
N GLN B 27 17.45 -5.02 -19.77
CA GLN B 27 17.58 -4.08 -20.87
C GLN B 27 17.54 -4.77 -22.23
N SER B 28 17.37 -3.96 -23.26
CA SER B 28 17.38 -4.36 -24.65
C SER B 28 18.43 -3.51 -25.37
N PRO B 29 18.91 -3.93 -26.53
CA PRO B 29 18.58 -5.17 -27.21
C PRO B 29 19.40 -6.32 -26.65
N VAL B 30 19.15 -7.52 -27.18
CA VAL B 30 19.82 -8.76 -26.72
C VAL B 30 20.25 -9.60 -27.92
N ASP B 31 21.16 -10.54 -27.68
CA ASP B 31 21.47 -11.57 -28.66
C ASP B 31 20.47 -12.72 -28.57
N ILE B 32 19.81 -13.01 -29.67
CA ILE B 32 18.87 -14.12 -29.74
C ILE B 32 19.62 -15.40 -30.14
N ARG B 33 19.48 -16.43 -29.31
CA ARG B 33 20.12 -17.73 -29.53
C ARG B 33 19.01 -18.72 -29.63
N PRO B 34 18.54 -19.00 -30.87
CA PRO B 34 17.34 -19.82 -31.03
C PRO B 34 17.34 -21.18 -30.34
N GLN B 35 18.51 -21.84 -30.24
CA GLN B 35 18.57 -23.13 -29.56
C GLN B 35 18.26 -23.04 -28.06
N LEU B 36 18.43 -21.85 -27.47
CA LEU B 36 18.10 -21.59 -26.09
C LEU B 36 16.75 -20.93 -25.87
N ALA B 37 16.02 -20.65 -26.95
CA ALA B 37 14.68 -20.10 -26.82
C ALA B 37 13.73 -21.18 -26.32
N ALA B 38 12.78 -20.78 -25.47
CA ALA B 38 11.71 -21.62 -24.99
C ALA B 38 10.48 -21.59 -25.92
N PHE B 39 10.15 -22.73 -26.54
CA PHE B 39 8.95 -22.86 -27.35
C PHE B 39 7.72 -22.85 -26.44
N SER B 40 6.79 -21.93 -26.64
CA SER B 40 5.47 -22.09 -26.00
C SER B 40 4.43 -22.04 -27.04
N PRO B 41 3.67 -23.15 -27.18
CA PRO B 41 2.56 -23.13 -28.10
C PRO B 41 1.41 -22.18 -27.72
N ALA B 42 1.45 -21.58 -26.53
CA ALA B 42 0.48 -20.52 -26.20
C ALA B 42 0.71 -19.22 -26.98
N LEU B 43 1.87 -19.04 -27.60
CA LEU B 43 2.13 -17.85 -28.42
C LEU B 43 1.47 -17.98 -29.78
N ARG B 44 0.37 -17.26 -29.97
CA ARG B 44 -0.45 -17.38 -31.18
C ARG B 44 0.02 -16.39 -32.24
N PRO B 45 -0.43 -16.56 -33.51
CA PRO B 45 -0.08 -15.59 -34.54
C PRO B 45 -0.45 -14.15 -34.15
N LEU B 46 0.44 -13.23 -34.45
CA LEU B 46 0.20 -11.82 -34.18
C LEU B 46 -1.00 -11.37 -35.02
N GLU B 47 -1.83 -10.52 -34.43
CA GLU B 47 -2.99 -9.96 -35.15
C GLU B 47 -2.77 -8.47 -35.31
N LEU B 48 -2.72 -8.00 -36.56
CA LEU B 48 -2.53 -6.59 -36.87
C LEU B 48 -3.65 -6.13 -37.80
N LEU B 49 -4.56 -5.33 -37.27
CA LEU B 49 -5.70 -4.80 -38.04
C LEU B 49 -5.64 -3.30 -38.13
N GLY B 50 -6.20 -2.78 -39.23
CA GLY B 50 -6.16 -1.35 -39.51
C GLY B 50 -4.85 -0.80 -40.03
N PHE B 51 -3.91 -1.67 -40.43
CA PHE B 51 -2.58 -1.20 -40.85
C PHE B 51 -2.53 -0.73 -42.32
N GLN B 52 -3.55 -1.06 -43.11
CA GLN B 52 -3.57 -0.73 -44.55
C GLN B 52 -4.11 0.68 -44.69
N LEU B 53 -3.22 1.66 -44.56
CA LEU B 53 -3.65 3.05 -44.53
C LEU B 53 -3.95 3.56 -45.94
N PRO B 54 -4.98 4.41 -46.09
CA PRO B 54 -5.22 5.06 -47.38
C PRO B 54 -4.23 6.19 -47.64
N PRO B 55 -4.16 6.69 -48.89
CA PRO B 55 -3.21 7.76 -49.22
C PRO B 55 -3.36 9.03 -48.38
N LEU B 56 -4.59 9.38 -48.02
CA LEU B 56 -4.89 10.56 -47.19
C LEU B 56 -5.67 10.14 -45.97
N PRO B 57 -5.41 10.76 -44.80
CA PRO B 57 -4.45 11.84 -44.54
C PRO B 57 -2.99 11.40 -44.61
N GLU B 58 -2.12 12.39 -44.82
CA GLU B 58 -0.68 12.16 -44.85
C GLU B 58 -0.09 11.99 -43.43
N LEU B 59 1.09 11.37 -43.38
CA LEU B 59 1.76 11.05 -42.13
C LEU B 59 3.03 11.86 -42.00
N ARG B 60 3.35 12.25 -40.76
CA ARG B 60 4.59 12.93 -40.45
C ARG B 60 5.79 11.98 -40.47
N LEU B 61 6.81 12.33 -41.26
CA LEU B 61 8.12 11.65 -41.26
C LEU B 61 9.12 12.66 -40.77
N ARG B 62 9.88 12.31 -39.73
CA ARG B 62 10.74 13.27 -39.05
C ARG B 62 12.14 12.69 -38.81
N ASN B 63 13.17 13.45 -39.16
CA ASN B 63 14.55 13.16 -38.73
C ASN B 63 14.70 13.81 -37.38
N ASN B 64 14.66 13.02 -36.31
CA ASN B 64 14.81 13.54 -34.94
C ASN B 64 16.25 13.52 -34.43
N GLY B 65 17.20 13.22 -35.32
CA GLY B 65 18.62 13.17 -34.96
C GLY B 65 19.14 11.86 -34.40
N HIS B 66 18.24 10.99 -33.92
CA HIS B 66 18.61 9.64 -33.46
C HIS B 66 18.09 8.54 -34.42
N SER B 67 17.00 8.83 -35.12
CA SER B 67 16.44 7.92 -36.10
C SER B 67 15.55 8.74 -37.00
N VAL B 68 14.97 8.08 -38.00
CA VAL B 68 13.85 8.62 -38.78
C VAL B 68 12.57 7.98 -38.25
N GLN B 69 11.58 8.81 -37.95
CA GLN B 69 10.36 8.36 -37.29
C GLN B 69 9.11 8.72 -38.08
N LEU B 70 8.26 7.71 -38.29
CA LEU B 70 6.97 7.90 -38.92
C LEU B 70 5.90 7.86 -37.84
N THR B 71 5.16 8.95 -37.70
CA THR B 71 4.02 9.00 -36.80
C THR B 71 2.83 8.29 -37.42
N LEU B 72 2.21 7.40 -36.66
CA LEU B 72 1.10 6.61 -37.13
C LEU B 72 -0.21 7.16 -36.59
N PRO B 73 -1.30 7.07 -37.38
CA PRO B 73 -2.56 7.61 -36.93
C PRO B 73 -3.27 6.67 -35.96
N PRO B 74 -4.37 7.14 -35.33
CA PRO B 74 -5.22 6.24 -34.60
C PRO B 74 -5.72 5.15 -35.53
N GLY B 75 -6.24 3.69 -34.66
CA GLY B 75 -6.89 2.70 -35.49
C GLY B 75 -5.99 1.58 -35.91
N LEU B 76 -4.69 1.64 -35.62
CA LEU B 76 -3.83 0.49 -35.93
C LEU B 76 -3.81 -0.40 -34.69
N GLU B 77 -4.58 -1.48 -34.74
CA GLU B 77 -4.78 -2.33 -33.57
C GLU B 77 -3.94 -3.61 -33.71
N MET B 78 -3.37 -4.04 -32.59
CA MET B 78 -2.46 -5.19 -32.59
C MET B 78 -2.69 -5.98 -31.31
N ALA B 79 -2.70 -7.30 -31.41
CA ALA B 79 -2.86 -8.16 -30.24
C ALA B 79 -1.71 -9.16 -30.17
N LEU B 80 -1.09 -9.27 -28.99
CA LEU B 80 -0.08 -10.32 -28.70
C LEU B 80 -0.73 -11.60 -28.17
N GLY B 81 -1.97 -11.49 -27.78
CA GLY B 81 -2.72 -12.62 -27.33
C GLY B 81 -4.14 -12.19 -27.09
N PRO B 82 -5.06 -13.37 -26.35
CA PRO B 82 -6.45 -12.96 -26.09
C PRO B 82 -6.51 -11.83 -25.07
N GLY B 83 -7.17 -10.73 -25.42
CA GLY B 83 -7.26 -9.58 -24.52
C GLY B 83 -5.98 -8.82 -24.21
N ARG B 84 -4.93 -9.01 -25.02
CA ARG B 84 -3.69 -8.29 -24.82
C ARG B 84 -3.46 -7.40 -26.01
N GLU B 85 -4.19 -6.28 -26.03
CA GLU B 85 -4.26 -5.43 -27.19
C GLU B 85 -3.51 -4.13 -27.02
N TYR B 86 -3.12 -3.59 -28.18
CA TYR B 86 -2.21 -2.49 -28.34
C TYR B 86 -2.66 -1.58 -29.51
N ARG B 87 -2.21 -0.34 -29.50
CA ARG B 87 -2.41 0.58 -30.64
C ARG B 87 -1.06 1.08 -31.07
N ALA B 88 -0.76 1.06 -32.37
CA ALA B 88 0.53 1.53 -32.90
C ALA B 88 0.65 3.06 -32.78
N LEU B 89 1.81 3.54 -32.37
CA LEU B 89 2.08 4.96 -32.18
C LEU B 89 2.94 5.52 -33.28
N GLN B 90 3.99 4.78 -33.61
CA GLN B 90 5.06 5.22 -34.49
C GLN B 90 5.94 4.05 -34.90
N LEU B 91 6.67 4.25 -35.97
CA LEU B 91 7.77 3.36 -36.32
C LEU B 91 9.00 4.17 -36.63
N HIS B 92 10.14 3.50 -36.50
CA HIS B 92 11.42 4.10 -36.74
C HIS B 92 12.41 2.98 -37.05
N LEU B 93 13.63 3.35 -37.44
CA LEU B 93 14.61 2.36 -37.89
C LEU B 93 15.97 2.52 -37.22
N HIS B 94 16.74 1.44 -37.27
CA HIS B 94 18.11 1.44 -36.80
C HIS B 94 18.94 0.86 -37.92
N TRP B 95 20.10 1.48 -38.17
CA TRP B 95 20.91 1.13 -39.33
C TRP B 95 22.40 1.39 -39.11
N GLY B 96 23.21 0.96 -40.08
CA GLY B 96 24.65 0.93 -39.91
C GLY B 96 25.33 2.06 -40.67
N ALA B 97 26.29 1.68 -41.50
CA ALA B 97 26.97 2.61 -42.40
C ALA B 97 27.50 1.78 -43.58
N ALA B 98 28.25 2.39 -44.48
CA ALA B 98 28.78 1.67 -45.66
C ALA B 98 29.54 0.41 -45.23
N GLY B 99 29.04 -0.75 -45.66
CA GLY B 99 29.65 -2.05 -45.35
C GLY B 99 29.71 -2.42 -43.86
N ARG B 100 28.78 -1.88 -43.07
CA ARG B 100 28.70 -2.17 -41.64
C ARG B 100 27.22 -2.30 -41.24
N PRO B 101 26.82 -3.46 -40.70
CA PRO B 101 25.40 -3.63 -40.33
C PRO B 101 25.04 -2.83 -39.08
N GLY B 102 23.77 -2.47 -38.93
CA GLY B 102 23.31 -1.73 -37.76
C GLY B 102 21.98 -2.13 -37.14
N SER B 103 21.61 -3.41 -37.23
CA SER B 103 20.48 -3.90 -36.43
C SER B 103 20.85 -3.79 -34.92
N GLU B 104 19.82 -3.69 -34.08
CA GLU B 104 19.98 -3.68 -32.63
C GLU B 104 20.05 -5.08 -32.06
N HIS B 105 19.01 -5.89 -32.33
CA HIS B 105 19.08 -7.30 -31.96
C HIS B 105 20.08 -7.98 -32.88
N THR B 106 20.65 -9.08 -32.39
CA THR B 106 21.51 -9.94 -33.18
C THR B 106 20.99 -11.37 -33.02
N VAL B 107 21.40 -12.26 -33.92
CA VAL B 107 21.00 -13.66 -33.85
C VAL B 107 22.28 -14.48 -33.91
N GLU B 108 22.60 -15.17 -32.80
CA GLU B 108 23.84 -15.90 -32.66
C GLU B 108 25.06 -15.06 -33.04
N GLY B 109 25.05 -13.80 -32.62
CA GLY B 109 26.14 -12.86 -32.85
C GLY B 109 26.11 -12.15 -34.19
N HIS B 110 25.21 -12.53 -35.10
CA HIS B 110 25.12 -11.90 -36.41
C HIS B 110 24.25 -10.63 -36.33
N ARG B 111 24.82 -9.51 -36.79
CA ARG B 111 24.11 -8.24 -36.94
C ARG B 111 23.62 -8.10 -38.37
N PHE B 112 22.35 -7.76 -38.53
CA PHE B 112 21.74 -7.60 -39.83
C PHE B 112 21.94 -6.15 -40.29
N PRO B 113 21.79 -5.89 -41.60
CA PRO B 113 21.96 -4.51 -42.08
C PRO B 113 21.14 -3.45 -41.31
N ALA B 114 19.86 -3.72 -41.02
CA ALA B 114 19.01 -2.72 -40.37
C ALA B 114 17.87 -3.41 -39.65
N GLU B 115 17.11 -2.61 -38.91
CA GLU B 115 16.01 -3.15 -38.11
C GLU B 115 14.92 -2.10 -38.04
N ILE B 116 13.68 -2.53 -38.23
CA ILE B 116 12.52 -1.65 -38.09
C ILE B 116 11.81 -1.96 -36.78
N HIS B 117 11.38 -0.91 -36.07
CA HIS B 117 10.62 -1.02 -34.83
C HIS B 117 9.29 -0.35 -34.95
N VAL B 118 8.21 -1.09 -34.70
CA VAL B 118 6.88 -0.52 -34.67
C VAL B 118 6.43 -0.50 -33.21
N VAL B 119 6.38 0.70 -32.65
CA VAL B 119 6.12 0.89 -31.23
C VAL B 119 4.62 1.05 -30.96
N HIS B 120 4.13 0.32 -29.95
CA HIS B 120 2.72 0.29 -29.61
C HIS B 120 2.48 0.59 -28.13
N LEU B 121 1.28 1.08 -27.84
CA LEU B 121 0.84 1.41 -26.50
C LEU B 121 -0.30 0.47 -26.12
N SER B 122 -0.21 -0.16 -24.95
CA SER B 122 -1.30 -1.00 -24.46
C SER B 122 -2.63 -0.22 -24.35
N THR B 123 -3.74 -0.87 -24.73
CA THR B 123 -5.09 -0.24 -24.69
C THR B 123 -5.56 -0.10 -23.26
N ALA B 124 -4.60 -0.70 -22.02
CA ALA B 124 -4.93 -0.42 -20.65
C ALA B 124 -4.37 0.91 -20.19
N PHE B 125 -3.63 1.62 -21.06
CA PHE B 125 -3.00 2.88 -20.69
C PHE B 125 -3.40 3.98 -21.68
N ALA B 126 -3.86 5.11 -21.15
CA ALA B 126 -4.31 6.23 -21.99
C ALA B 126 -3.12 7.00 -22.58
N ARG B 127 -2.01 6.99 -21.85
CA ARG B 127 -0.85 7.80 -22.18
C ARG B 127 0.45 6.96 -22.13
N VAL B 128 1.39 7.31 -22.98
CA VAL B 128 2.72 6.70 -23.00
C VAL B 128 3.43 6.88 -21.66
N ASP B 129 3.32 8.07 -21.07
CA ASP B 129 4.04 8.32 -19.82
C ASP B 129 3.59 7.43 -18.63
N GLU B 130 2.34 7.00 -18.65
CA GLU B 130 1.82 6.02 -17.69
C GLU B 130 2.33 4.60 -17.96
N ALA B 131 2.53 4.30 -19.24
CA ALA B 131 2.97 2.96 -19.65
C ALA B 131 4.47 2.74 -19.43
N LEU B 132 5.26 3.81 -19.44
CA LEU B 132 6.71 3.69 -19.28
C LEU B 132 7.05 3.09 -17.92
N GLY B 133 7.81 2.01 -17.94
CA GLY B 133 8.20 1.31 -16.73
C GLY B 133 7.19 0.28 -16.22
N ARG B 134 6.02 0.18 -16.85
CA ARG B 134 4.98 -0.74 -16.39
C ARG B 134 5.03 -1.97 -17.31
N PRO B 135 4.92 -3.17 -16.74
CA PRO B 135 5.08 -4.39 -17.56
C PRO B 135 4.01 -4.48 -18.64
N GLY B 136 4.45 -4.66 -19.88
CA GLY B 136 3.54 -4.75 -21.00
C GLY B 136 2.90 -3.43 -21.42
N GLY B 137 3.30 -2.31 -20.82
CA GLY B 137 2.70 -1.02 -21.20
C GLY B 137 2.98 -0.64 -22.66
N LEU B 138 4.22 -0.87 -23.09
CA LEU B 138 4.67 -0.69 -24.45
C LEU B 138 5.06 -2.06 -25.04
N ALA B 139 4.76 -2.21 -26.31
CA ALA B 139 5.11 -3.40 -27.07
C ALA B 139 5.72 -2.94 -28.39
N VAL B 140 6.88 -3.50 -28.74
CA VAL B 140 7.56 -3.19 -29.99
C VAL B 140 7.57 -4.41 -30.90
N LEU B 141 7.17 -4.24 -32.16
CA LEU B 141 7.36 -5.28 -33.18
C LEU B 141 8.63 -4.94 -33.91
N ALA B 142 9.56 -5.89 -33.94
CA ALA B 142 10.88 -5.70 -34.54
C ALA B 142 11.13 -6.68 -35.66
N ALA B 143 11.65 -6.19 -36.78
CA ALA B 143 12.02 -7.06 -37.89
C ALA B 143 13.36 -6.68 -38.45
N PHE B 144 14.14 -7.68 -38.82
CA PHE B 144 15.43 -7.46 -39.46
C PHE B 144 15.25 -7.16 -40.94
N LEU B 145 16.03 -6.20 -41.41
CA LEU B 145 16.12 -5.81 -42.82
C LEU B 145 17.45 -6.36 -43.34
N GLU B 146 17.39 -7.12 -44.42
CA GLU B 146 18.65 -7.60 -45.02
C GLU B 146 18.68 -7.37 -46.53
N GLU B 147 19.85 -7.58 -47.12
CA GLU B 147 20.01 -7.30 -48.56
C GLU B 147 19.38 -8.39 -49.42
N GLY B 148 18.60 -7.98 -50.41
CA GLY B 148 18.06 -8.87 -51.44
C GLY B 148 18.30 -8.28 -52.83
N PRO B 149 17.99 -9.07 -53.88
CA PRO B 149 18.24 -8.61 -55.25
C PRO B 149 17.30 -7.50 -55.74
N GLU B 150 16.11 -7.38 -55.14
CA GLU B 150 15.04 -6.53 -55.68
C GLU B 150 14.76 -5.32 -54.80
N GLU B 151 14.42 -4.21 -55.44
CA GLU B 151 13.92 -3.02 -54.75
C GLU B 151 12.62 -3.37 -54.02
N ASN B 152 12.54 -3.01 -52.75
CA ASN B 152 11.35 -3.24 -51.93
C ASN B 152 10.45 -2.04 -52.08
N SER B 153 9.27 -2.25 -52.64
CA SER B 153 8.32 -1.17 -52.91
C SER B 153 7.81 -0.47 -51.65
N ALA B 154 7.50 -1.25 -50.63
CA ALA B 154 7.00 -0.69 -49.37
C ALA B 154 8.00 0.28 -48.75
N TYR B 155 9.25 -0.16 -48.62
CA TYR B 155 10.29 0.69 -48.05
C TYR B 155 10.68 1.91 -48.91
N GLU B 156 10.51 1.79 -50.22
CA GLU B 156 10.84 2.90 -51.14
C GLU B 156 10.01 4.16 -50.87
N GLN B 157 8.75 3.97 -50.46
CA GLN B 157 7.87 5.08 -50.08
C GLN B 157 8.48 5.95 -48.99
N LEU B 158 9.25 5.34 -48.08
CA LEU B 158 9.92 6.07 -47.04
C LEU B 158 11.32 6.51 -47.43
N LEU B 159 12.10 5.59 -48.00
CA LEU B 159 13.51 5.88 -48.32
C LEU B 159 13.65 7.02 -49.36
N SER B 160 12.71 7.08 -50.29
CA SER B 160 12.68 8.13 -51.33
C SER B 160 12.38 9.54 -50.79
N ARG B 161 11.94 9.65 -49.53
CA ARG B 161 11.69 10.95 -48.89
C ARG B 161 12.74 11.40 -47.88
N LEU B 162 13.80 10.61 -47.69
CA LEU B 162 14.81 10.94 -46.69
C LEU B 162 15.65 12.16 -47.09
N GLU B 163 15.92 12.32 -48.39
CA GLU B 163 16.68 13.49 -48.88
C GLU B 163 16.04 14.81 -48.44
N GLU B 164 14.71 14.85 -48.46
CA GLU B 164 13.95 16.02 -47.98
C GLU B 164 14.18 16.36 -46.50
N ILE B 165 14.46 15.35 -45.68
CA ILE B 165 14.59 15.53 -44.23
C ILE B 165 16.02 15.26 -43.77
N ALA B 166 17.00 15.50 -44.65
CA ALA B 166 18.39 15.19 -44.36
C ALA B 166 18.92 15.92 -43.13
N GLU B 167 18.49 17.17 -42.92
CA GLU B 167 18.94 17.96 -41.79
C GLU B 167 18.28 17.51 -40.47
N GLU B 168 19.09 17.38 -39.41
CA GLU B 168 18.59 17.06 -38.06
C GLU B 168 17.42 17.98 -37.69
N GLY B 169 16.30 17.38 -37.27
CA GLY B 169 15.14 18.16 -36.83
C GLY B 169 14.14 18.48 -37.93
N SER B 170 14.47 18.22 -39.18
CA SER B 170 13.53 18.50 -40.27
C SER B 170 12.52 17.38 -40.44
N GLU B 171 11.40 17.72 -41.06
CA GLU B 171 10.30 16.79 -41.23
C GLU B 171 9.53 17.09 -42.50
N THR B 172 8.78 16.10 -42.96
CA THR B 172 7.95 16.22 -44.15
C THR B 172 6.69 15.40 -43.91
N GLN B 173 5.76 15.47 -44.86
CA GLN B 173 4.52 14.70 -44.82
C GLN B 173 4.56 13.73 -45.97
N VAL B 174 4.23 12.47 -45.71
CA VAL B 174 4.24 11.43 -46.74
C VAL B 174 2.85 10.84 -46.86
N PRO B 175 2.47 10.34 -48.06
CA PRO B 175 1.18 9.67 -48.18
C PRO B 175 1.10 8.44 -47.28
N GLY B 176 -0.11 8.15 -46.82
CA GLY B 176 -0.38 6.92 -46.09
C GLY B 176 -0.05 5.69 -46.91
N LEU B 177 0.42 4.65 -46.22
CA LEU B 177 0.92 3.42 -46.84
C LEU B 177 0.49 2.23 -46.00
N ASP B 178 0.63 1.05 -46.57
CA ASP B 178 0.35 -0.18 -45.86
C ASP B 178 1.56 -0.50 -44.96
N ILE B 179 1.40 -0.22 -43.68
CA ILE B 179 2.47 -0.36 -42.69
C ILE B 179 2.81 -1.84 -42.52
N SER B 180 1.79 -2.69 -42.65
CA SER B 180 1.97 -4.15 -42.56
C SER B 180 2.84 -4.73 -43.66
N ALA B 181 2.92 -4.03 -44.81
CA ALA B 181 3.77 -4.46 -45.92
C ALA B 181 5.26 -4.32 -45.63
N LEU B 182 5.60 -3.54 -44.60
CA LEU B 182 6.98 -3.38 -44.14
C LEU B 182 7.47 -4.55 -43.27
N LEU B 183 6.57 -5.47 -42.94
CA LEU B 183 6.84 -6.59 -42.04
C LEU B 183 6.94 -7.91 -42.76
N PRO B 184 7.59 -8.90 -42.10
CA PRO B 184 7.81 -10.20 -42.74
C PRO B 184 6.57 -11.01 -43.04
N SER B 185 6.80 -12.10 -43.74
CA SER B 185 5.72 -12.94 -44.26
C SER B 185 4.88 -13.66 -43.21
N ASP B 186 5.52 -14.32 -42.23
CA ASP B 186 4.80 -15.23 -41.37
C ASP B 186 4.63 -14.64 -39.98
N PHE B 187 3.39 -14.25 -39.66
CA PHE B 187 3.07 -13.64 -38.36
C PHE B 187 2.97 -14.69 -37.24
N SER B 188 3.18 -15.98 -37.55
CA SER B 188 3.15 -17.04 -36.54
C SER B 188 4.52 -17.37 -35.97
N ARG B 189 5.58 -16.80 -36.54
CA ARG B 189 6.96 -17.20 -36.22
C ARG B 189 7.73 -16.00 -35.69
N TYR B 190 7.89 -15.96 -34.37
CA TYR B 190 8.57 -14.87 -33.71
C TYR B 190 9.19 -15.31 -32.38
N PHE B 191 10.10 -14.47 -31.92
CA PHE B 191 10.69 -14.56 -30.60
C PHE B 191 10.12 -13.43 -29.76
N GLN B 192 10.08 -13.62 -28.44
CA GLN B 192 9.49 -12.62 -27.56
C GLN B 192 10.16 -12.62 -26.20
N TYR B 193 10.40 -11.42 -25.67
CA TYR B 193 10.95 -11.29 -24.31
C TYR B 193 10.61 -9.89 -23.81
N GLU B 194 10.81 -9.68 -22.52
CA GLU B 194 10.56 -8.41 -21.90
C GLU B 194 11.89 -7.69 -21.65
N GLY B 195 11.99 -6.42 -22.07
CA GLY B 195 13.18 -5.66 -21.91
C GLY B 195 12.87 -4.15 -21.80
N SER B 196 13.64 -3.34 -22.51
CA SER B 196 13.65 -1.90 -22.32
C SER B 196 13.61 -1.14 -23.62
N LEU B 197 13.38 0.17 -23.50
CA LEU B 197 13.72 1.08 -24.58
C LEU B 197 15.24 0.98 -24.83
N THR B 198 15.66 1.16 -26.09
CA THR B 198 17.07 1.13 -26.44
C THR B 198 17.68 2.52 -26.55
N THR B 199 16.93 3.52 -26.07
CA THR B 199 17.37 4.91 -25.97
C THR B 199 16.94 5.44 -24.61
N PRO B 200 17.64 6.44 -24.04
CA PRO B 200 17.11 7.04 -22.82
C PRO B 200 15.65 7.45 -23.00
N PRO B 201 14.77 7.21 -22.03
CA PRO B 201 15.12 6.86 -20.64
C PRO B 201 15.33 5.35 -20.30
N CYS B 202 15.45 4.48 -21.30
CA CYS B 202 15.74 3.04 -21.10
C CYS B 202 14.73 2.35 -20.17
N ALA B 203 13.48 2.76 -20.26
CA ALA B 203 12.41 2.26 -19.41
C ALA B 203 12.23 0.77 -19.63
N GLN B 204 12.09 0.03 -18.54
CA GLN B 204 11.86 -1.43 -18.58
C GLN B 204 10.36 -1.75 -18.71
N GLY B 205 10.03 -3.04 -18.87
CA GLY B 205 8.66 -3.47 -19.04
C GLY B 205 8.16 -3.46 -20.47
N VAL B 206 9.06 -3.29 -21.42
CA VAL B 206 8.70 -3.28 -22.85
C VAL B 206 8.66 -4.72 -23.36
N ILE B 207 7.55 -5.12 -23.97
CA ILE B 207 7.50 -6.44 -24.63
C ILE B 207 8.06 -6.29 -26.04
N TRP B 208 9.18 -6.99 -26.28
CA TRP B 208 9.80 -7.08 -27.58
C TRP B 208 9.37 -8.35 -28.30
N THR B 209 8.85 -8.20 -29.52
CA THR B 209 8.52 -9.33 -30.40
C THR B 209 9.36 -9.17 -31.65
N VAL B 210 10.27 -10.12 -31.88
CA VAL B 210 11.21 -10.10 -32.99
C VAL B 210 10.83 -11.22 -33.98
N PHE B 211 10.43 -10.83 -35.19
CA PHE B 211 10.06 -11.81 -36.20
C PHE B 211 11.25 -12.72 -36.51
N ASN B 212 10.97 -13.99 -36.72
CA ASN B 212 11.94 -14.99 -37.18
C ASN B 212 12.44 -14.67 -38.59
N GLN B 213 11.53 -14.35 -39.48
CA GLN B 213 11.88 -14.07 -40.89
C GLN B 213 12.23 -12.62 -41.07
N THR B 214 13.00 -12.36 -42.11
CA THR B 214 13.44 -11.01 -42.42
C THR B 214 12.65 -10.42 -43.58
N VAL B 215 12.87 -9.14 -43.80
CA VAL B 215 12.45 -8.47 -45.02
C VAL B 215 13.69 -8.08 -45.82
N MET B 216 13.55 -8.00 -47.14
CA MET B 216 14.67 -7.72 -48.04
C MET B 216 14.54 -6.36 -48.71
N LEU B 217 15.61 -5.60 -48.68
CA LEU B 217 15.77 -4.33 -49.39
C LEU B 217 16.97 -4.48 -50.31
N SER B 218 17.01 -3.67 -51.38
CA SER B 218 18.17 -3.66 -52.28
C SER B 218 19.38 -3.00 -51.63
N ALA B 219 20.57 -3.27 -52.17
CA ALA B 219 21.80 -2.62 -51.70
C ALA B 219 21.72 -1.09 -51.82
N LYS B 220 21.12 -0.59 -52.89
CA LYS B 220 20.92 0.86 -53.07
C LYS B 220 20.04 1.45 -51.95
N GLN B 221 18.92 0.77 -51.70
CA GLN B 221 18.00 1.15 -50.61
C GLN B 221 18.69 1.21 -49.24
N LEU B 222 19.47 0.17 -48.93
CA LEU B 222 20.21 0.14 -47.67
C LEU B 222 21.24 1.25 -47.59
N HIS B 223 21.91 1.54 -48.70
CA HIS B 223 22.84 2.69 -48.77
C HIS B 223 22.07 4.00 -48.57
N THR B 224 20.93 4.14 -49.23
CA THR B 224 20.08 5.32 -49.05
C THR B 224 19.67 5.52 -47.58
N LEU B 225 19.31 4.43 -46.89
CA LEU B 225 18.95 4.51 -45.45
C LEU B 225 20.10 5.02 -44.60
N SER B 226 21.29 4.49 -44.82
CA SER B 226 22.44 4.82 -43.98
C SER B 226 23.20 6.08 -44.41
N ASP B 227 23.05 6.53 -45.65
CA ASP B 227 23.91 7.60 -46.18
C ASP B 227 23.23 8.96 -46.37
N THR B 228 21.93 9.07 -46.11
CA THR B 228 21.19 10.29 -46.40
C THR B 228 21.03 11.27 -45.22
N LEU B 229 20.88 10.75 -43.99
CA LEU B 229 20.47 11.60 -42.86
C LEU B 229 21.66 12.08 -42.03
N TRP B 230 21.52 13.30 -41.51
CA TRP B 230 22.52 13.94 -40.64
C TRP B 230 21.96 14.08 -39.22
N GLY B 231 22.86 14.01 -38.24
CA GLY B 231 22.51 14.03 -36.82
C GLY B 231 23.11 15.22 -36.11
N PRO B 232 23.29 15.14 -34.77
CA PRO B 232 23.96 16.20 -34.01
C PRO B 232 25.49 16.08 -34.08
N GLY B 233 26.05 19.15 -33.98
CA GLY B 233 27.30 18.83 -34.70
C GLY B 233 27.10 18.54 -36.17
N ASP B 234 28.17 18.09 -36.81
CA ASP B 234 28.17 17.77 -38.24
C ASP B 234 28.28 16.26 -38.49
N SER B 235 27.71 15.44 -37.58
CA SER B 235 27.78 13.99 -37.70
C SER B 235 26.75 13.46 -38.70
N ARG B 236 27.13 12.40 -39.39
CA ARG B 236 26.15 11.61 -40.13
C ARG B 236 25.31 10.82 -39.13
N LEU B 237 24.02 10.62 -39.44
CA LEU B 237 23.16 9.77 -38.62
C LEU B 237 23.35 8.33 -39.11
N GLN B 238 24.28 7.65 -38.46
CA GLN B 238 24.69 6.29 -38.79
C GLN B 238 24.94 5.48 -37.53
N LEU B 239 24.91 4.16 -37.66
CA LEU B 239 25.27 3.27 -36.55
C LEU B 239 24.47 3.59 -35.29
N ASN B 240 23.18 3.86 -35.48
CA ASN B 240 22.29 4.32 -34.42
C ASN B 240 21.63 3.11 -33.72
N PHE B 241 22.50 2.22 -33.23
CA PHE B 241 22.08 1.02 -32.51
C PHE B 241 22.78 0.99 -31.18
N ARG B 242 22.09 0.43 -30.18
CA ARG B 242 22.68 0.25 -28.87
C ARG B 242 23.40 -1.10 -28.83
N ALA B 243 24.46 -1.19 -28.02
CA ALA B 243 25.15 -2.45 -27.78
C ALA B 243 24.26 -3.50 -27.14
N THR B 244 24.60 -4.76 -27.40
CA THR B 244 23.91 -5.93 -26.89
C THR B 244 23.96 -5.96 -25.36
N GLN B 245 22.84 -6.29 -24.72
CA GLN B 245 22.71 -6.35 -23.27
C GLN B 245 22.49 -7.80 -22.81
N PRO B 246 22.92 -8.11 -21.57
CA PRO B 246 22.75 -9.49 -21.05
C PRO B 246 21.31 -9.82 -20.69
N LEU B 247 20.92 -11.06 -20.92
CA LEU B 247 19.59 -11.52 -20.53
C LEU B 247 19.37 -11.50 -19.03
N ASN B 248 20.42 -11.72 -18.22
CA ASN B 248 20.27 -11.76 -16.77
C ASN B 248 19.17 -12.69 -16.30
N GLY B 249 19.14 -13.88 -16.90
CA GLY B 249 18.20 -14.90 -16.51
C GLY B 249 16.90 -14.95 -17.27
N ARG B 250 16.57 -13.87 -17.98
CA ARG B 250 15.42 -13.90 -18.87
C ARG B 250 15.57 -14.99 -19.91
N VAL B 251 14.47 -15.66 -20.23
CA VAL B 251 14.45 -16.70 -21.27
C VAL B 251 13.64 -16.15 -22.44
N ILE B 252 14.25 -16.11 -23.62
CA ILE B 252 13.54 -15.67 -24.84
C ILE B 252 12.59 -16.77 -25.24
N GLU B 253 11.33 -16.43 -25.50
CA GLU B 253 10.34 -17.40 -25.91
C GLU B 253 10.25 -17.43 -27.44
N ALA B 254 9.81 -18.56 -27.97
CA ALA B 254 9.61 -18.71 -29.41
C ALA B 254 8.25 -19.28 -29.66
N SER B 255 7.62 -18.80 -30.75
CA SER B 255 6.26 -19.23 -31.09
C SER B 255 6.22 -20.48 -31.96
N PHE B 256 7.36 -21.12 -32.14
CA PHE B 256 7.47 -22.28 -33.03
C PHE B 256 8.49 -23.24 -32.45
N PRO B 257 8.32 -24.55 -32.70
CA PRO B 257 9.24 -25.55 -32.17
C PRO B 257 10.58 -25.57 -32.88
N ARG C 17 -20.91 19.72 -3.52
CA ARG C 17 -20.54 18.45 -4.21
C ARG C 17 -19.32 17.73 -3.60
N VAL C 18 -18.44 18.46 -2.91
CA VAL C 18 -17.21 17.86 -2.32
C VAL C 18 -17.52 17.04 -1.04
N SER C 19 -16.47 16.55 -0.37
CA SER C 19 -16.63 15.70 0.83
C SER C 19 -17.17 16.47 2.04
N PRO C 20 -18.07 15.83 2.82
CA PRO C 20 -18.53 16.41 4.11
C PRO C 20 -17.38 16.75 5.08
N ALA C 21 -16.31 15.97 5.03
CA ALA C 21 -15.16 16.18 5.91
C ALA C 21 -14.41 17.51 5.70
N CYS C 22 -14.55 18.14 4.52
CA CYS C 22 -13.94 19.47 4.30
C CYS C 22 -14.62 20.60 5.07
N ALA C 23 -15.75 20.26 5.70
CA ALA C 23 -16.48 21.12 6.61
C ALA C 23 -16.35 20.65 8.09
N GLY C 24 -15.32 19.88 8.41
CA GLY C 24 -15.06 19.50 9.80
C GLY C 24 -14.54 20.67 10.62
N ARG C 25 -14.62 20.54 11.94
CA ARG C 25 -14.17 21.59 12.87
C ARG C 25 -12.65 21.69 13.02
N PHE C 26 -11.91 20.63 12.70
CA PHE C 26 -10.49 20.54 13.05
C PHE C 26 -9.67 20.28 11.79
N GLN C 27 -9.62 21.32 10.95
CA GLN C 27 -9.01 21.28 9.63
C GLN C 27 -7.61 21.89 9.64
N SER C 28 -6.91 21.68 8.53
CA SER C 28 -5.57 22.20 8.28
C SER C 28 -5.64 22.93 6.94
N PRO C 29 -4.72 23.83 6.62
CA PRO C 29 -3.62 24.26 7.46
C PRO C 29 -4.09 25.28 8.50
N VAL C 30 -3.19 25.62 9.40
CA VAL C 30 -3.44 26.57 10.49
C VAL C 30 -2.33 27.60 10.57
N ASP C 31 -2.65 28.72 11.20
CA ASP C 31 -1.68 29.74 11.52
C ASP C 31 -1.04 29.37 12.83
N ILE C 32 0.28 29.20 12.80
CA ILE C 32 1.03 28.79 13.96
C ILE C 32 1.43 30.07 14.69
N ARG C 33 1.09 30.16 15.98
CA ARG C 33 1.51 31.29 16.84
C ARG C 33 2.42 30.75 17.93
N PRO C 34 3.74 30.86 17.77
CA PRO C 34 4.66 30.22 18.70
C PRO C 34 4.48 30.58 20.17
N GLN C 35 4.02 31.79 20.47
CA GLN C 35 3.80 32.23 21.87
C GLN C 35 2.65 31.46 22.51
N LEU C 36 1.65 31.07 21.70
CA LEU C 36 0.52 30.25 22.16
C LEU C 36 0.75 28.72 22.10
N ALA C 37 1.92 28.27 21.65
CA ALA C 37 2.23 26.85 21.55
C ALA C 37 2.58 26.33 22.92
N ALA C 38 2.16 25.11 23.24
CA ALA C 38 2.48 24.51 24.50
C ALA C 38 3.79 23.75 24.38
N PHE C 39 4.78 24.13 25.19
CA PHE C 39 6.04 23.38 25.25
C PHE C 39 5.78 21.99 25.84
N SER C 40 6.20 20.97 25.09
CA SER C 40 5.87 19.59 25.41
C SER C 40 7.15 18.75 25.34
N PRO C 41 7.86 18.62 26.49
CA PRO C 41 9.14 17.89 26.52
C PRO C 41 9.10 16.39 26.20
N ALA C 42 7.90 15.80 26.17
CA ALA C 42 7.76 14.43 25.66
C ALA C 42 8.03 14.33 24.15
N LEU C 43 8.01 15.46 23.43
CA LEU C 43 8.25 15.45 21.99
C LEU C 43 9.73 15.37 21.68
N ARG C 44 10.16 14.16 21.31
CA ARG C 44 11.57 13.85 21.08
C ARG C 44 11.95 14.04 19.61
N PRO C 45 13.26 13.98 19.30
CA PRO C 45 13.63 14.13 17.90
C PRO C 45 13.03 13.04 16.99
N LEU C 46 12.58 13.46 15.82
CA LEU C 46 12.03 12.56 14.81
C LEU C 46 13.13 11.63 14.33
N GLU C 47 12.76 10.40 14.01
CA GLU C 47 13.71 9.41 13.52
C GLU C 47 13.22 8.85 12.20
N LEU C 48 14.10 8.87 11.20
CA LEU C 48 13.82 8.45 9.83
C LEU C 48 14.82 7.36 9.47
N LEU C 49 14.33 6.26 8.88
CA LEU C 49 15.14 5.13 8.41
C LEU C 49 14.77 4.84 6.97
N GLY C 50 15.77 4.57 6.13
CA GLY C 50 15.50 4.18 4.74
C GLY C 50 15.27 5.31 3.75
N PHE C 51 15.48 6.55 4.16
CA PHE C 51 15.22 7.70 3.31
C PHE C 51 16.34 8.00 2.28
N GLN C 52 17.54 7.45 2.50
CA GLN C 52 18.66 7.64 1.59
C GLN C 52 18.56 6.60 0.48
N LEU C 53 17.81 6.92 -0.56
CA LEU C 53 17.52 5.95 -1.64
C LEU C 53 18.64 5.88 -2.66
N PRO C 54 18.85 4.67 -3.22
CA PRO C 54 19.76 4.52 -4.36
C PRO C 54 19.10 5.00 -5.65
N PRO C 55 19.90 5.20 -6.73
CA PRO C 55 19.33 5.67 -7.98
C PRO C 55 18.24 4.76 -8.59
N LEU C 56 18.40 3.43 -8.49
CA LEU C 56 17.38 2.49 -8.94
C LEU C 56 16.81 1.75 -7.75
N PRO C 57 15.51 1.43 -7.78
CA PRO C 57 14.54 1.71 -8.87
C PRO C 57 14.15 3.20 -8.93
N GLU C 58 13.77 3.65 -10.11
CA GLU C 58 13.34 5.03 -10.27
C GLU C 58 11.99 5.23 -9.61
N LEU C 59 11.66 6.50 -9.35
CA LEU C 59 10.42 6.91 -8.72
C LEU C 59 9.60 7.73 -9.72
N ARG C 60 8.29 7.71 -9.57
CA ARG C 60 7.39 8.40 -10.45
C ARG C 60 7.09 9.79 -9.91
N LEU C 61 7.40 10.79 -10.72
CA LEU C 61 7.16 12.21 -10.41
C LEU C 61 6.05 12.68 -11.32
N ARG C 62 4.95 13.15 -10.72
CA ARG C 62 3.71 13.39 -11.46
C ARG C 62 3.15 14.80 -11.22
N ASN C 63 2.75 15.45 -12.30
CA ASN C 63 1.93 16.66 -12.23
C ASN C 63 0.48 16.20 -12.21
N ASN C 64 -0.12 16.19 -11.04
CA ASN C 64 -1.48 15.67 -10.93
C ASN C 64 -2.57 16.75 -11.15
N GLY C 65 -2.16 17.96 -11.54
CA GLY C 65 -3.08 19.06 -11.79
C GLY C 65 -3.28 19.98 -10.59
N HIS C 66 -3.02 19.49 -9.38
CA HIS C 66 -3.11 20.29 -8.15
C HIS C 66 -1.75 20.48 -7.46
N SER C 67 -0.80 19.56 -7.68
CA SER C 67 0.54 19.65 -7.12
C SER C 67 1.49 18.79 -7.97
N VAL C 68 2.77 18.84 -7.64
CA VAL C 68 3.74 17.86 -8.13
C VAL C 68 4.00 16.90 -6.98
N GLN C 69 3.83 15.61 -7.27
CA GLN C 69 3.99 14.55 -6.29
C GLN C 69 5.10 13.58 -6.70
N LEU C 70 5.77 13.04 -5.71
CA LEU C 70 6.75 12.00 -5.92
C LEU C 70 6.27 10.83 -5.11
N THR C 71 5.99 9.71 -5.77
CA THR C 71 5.55 8.52 -5.07
C THR C 71 6.77 7.80 -4.50
N LEU C 72 6.70 7.47 -3.23
CA LEU C 72 7.84 6.91 -2.51
C LEU C 72 7.76 5.37 -2.47
N PRO C 73 8.91 4.71 -2.48
CA PRO C 73 8.88 3.22 -2.46
C PRO C 73 8.65 2.66 -1.04
N PRO C 74 8.39 1.36 -0.93
CA PRO C 74 8.37 0.76 0.40
C PRO C 74 9.74 0.88 1.07
N GLY C 75 9.62 0.84 2.74
CA GLY C 75 10.87 0.78 3.48
C GLY C 75 11.33 2.13 3.98
N LEU C 76 10.51 3.17 3.82
CA LEU C 76 10.82 4.48 4.43
C LEU C 76 10.04 4.59 5.73
N GLU C 77 10.75 4.40 6.84
CA GLU C 77 10.15 4.35 8.16
C GLU C 77 10.40 5.65 8.87
N MET C 78 9.39 6.10 9.61
CA MET C 78 9.45 7.33 10.35
C MET C 78 8.76 7.12 11.69
N ALA C 79 9.42 7.57 12.76
CA ALA C 79 8.86 7.50 14.10
C ALA C 79 8.72 8.92 14.66
N LEU C 80 7.49 9.28 15.06
CA LEU C 80 7.24 10.54 15.79
C LEU C 80 7.66 10.43 17.24
N GLY C 81 7.89 9.20 17.69
CA GLY C 81 8.34 8.94 19.02
C GLY C 81 8.19 7.45 19.17
N PRO C 82 8.63 6.92 20.90
CA PRO C 82 8.45 5.47 20.92
C PRO C 82 6.99 5.05 20.73
N GLY C 83 6.79 4.01 19.93
CA GLY C 83 5.47 3.48 19.65
C GLY C 83 4.62 4.25 18.64
N ARG C 84 5.16 5.27 17.98
CA ARG C 84 4.41 6.13 17.05
C ARG C 84 5.07 5.99 15.66
N GLU C 85 4.82 4.86 15.02
CA GLU C 85 5.58 4.45 13.82
C GLU C 85 4.77 4.57 12.54
N TYR C 86 5.44 5.02 11.48
CA TYR C 86 4.82 5.38 10.20
C TYR C 86 5.69 4.91 9.04
N ARG C 87 5.08 4.80 7.87
CA ARG C 87 5.76 4.50 6.61
C ARG C 87 5.43 5.57 5.59
N ALA C 88 6.45 6.08 4.87
CA ALA C 88 6.24 7.19 3.95
C ALA C 88 5.57 6.68 2.67
N LEU C 89 4.59 7.46 2.17
CA LEU C 89 3.84 7.16 0.96
C LEU C 89 4.26 8.01 -0.24
N GLN C 90 4.46 9.31 0.00
CA GLN C 90 4.48 10.25 -1.10
C GLN C 90 4.97 11.58 -0.51
N LEU C 91 5.59 12.40 -1.34
CA LEU C 91 5.78 13.82 -1.02
C LEU C 91 5.25 14.70 -2.14
N HIS C 92 4.90 15.93 -1.78
CA HIS C 92 4.43 16.90 -2.74
C HIS C 92 4.65 18.30 -2.19
N LEU C 93 4.37 19.31 -3.02
CA LEU C 93 4.69 20.69 -2.73
C LEU C 93 3.49 21.64 -2.91
N HIS C 94 3.56 22.76 -2.19
CA HIS C 94 2.59 23.83 -2.33
C HIS C 94 3.41 25.10 -2.50
N TRP C 95 2.96 25.95 -3.42
CA TRP C 95 3.77 27.12 -3.82
C TRP C 95 2.87 28.26 -4.32
N GLY C 96 3.49 29.41 -4.55
CA GLY C 96 2.76 30.62 -4.91
C GLY C 96 2.89 30.99 -6.37
N ALA C 97 3.34 32.22 -6.62
CA ALA C 97 3.55 32.77 -7.98
C ALA C 97 4.57 33.91 -7.86
N ALA C 98 4.88 34.56 -8.98
CA ALA C 98 5.88 35.63 -8.97
C ALA C 98 5.53 36.67 -7.89
N GLY C 99 6.45 36.86 -6.94
CA GLY C 99 6.26 37.80 -5.81
C GLY C 99 5.10 37.55 -4.83
N ARG C 100 4.55 36.33 -4.81
CA ARG C 100 3.43 35.97 -3.94
C ARG C 100 3.73 34.63 -3.24
N PRO C 101 3.77 34.63 -1.89
CA PRO C 101 4.08 33.36 -1.21
C PRO C 101 2.94 32.34 -1.30
N GLY C 102 3.27 31.06 -1.12
CA GLY C 102 2.26 30.01 -1.24
C GLY C 102 2.39 28.81 -0.33
N SER C 103 3.03 28.96 0.82
CA SER C 103 2.97 27.94 1.87
C SER C 103 1.53 27.79 2.35
N GLU C 104 1.24 26.64 2.97
CA GLU C 104 -0.08 26.34 3.48
C GLU C 104 -0.18 26.82 4.92
N HIS C 105 0.76 26.39 5.75
CA HIS C 105 0.89 26.90 7.09
C HIS C 105 1.47 28.33 7.07
N THR C 106 1.09 29.11 8.07
CA THR C 106 1.66 30.44 8.28
C THR C 106 2.20 30.49 9.71
N VAL C 107 3.12 31.42 9.95
CA VAL C 107 3.64 31.64 11.28
C VAL C 107 3.42 33.13 11.64
N GLU C 108 2.50 33.36 12.59
CA GLU C 108 2.07 34.70 13.00
C GLU C 108 1.61 35.52 11.79
N GLY C 109 0.86 34.86 10.90
CA GLY C 109 0.32 35.51 9.71
C GLY C 109 1.23 35.52 8.49
N HIS C 110 2.53 35.24 8.67
CA HIS C 110 3.51 35.26 7.58
C HIS C 110 3.41 33.95 6.77
N ARG C 111 3.21 34.10 5.46
CA ARG C 111 3.23 32.99 4.51
C ARG C 111 4.63 32.90 3.89
N PHE C 112 5.15 31.68 3.79
CA PHE C 112 6.48 31.43 3.23
C PHE C 112 6.34 31.15 1.74
N PRO C 113 7.44 31.23 0.98
CA PRO C 113 7.32 31.05 -0.49
C PRO C 113 6.69 29.71 -0.91
N ALA C 114 7.11 28.62 -0.30
CA ALA C 114 6.53 27.29 -0.61
C ALA C 114 6.61 26.35 0.59
N GLU C 115 6.08 25.14 0.46
CA GLU C 115 6.10 24.20 1.57
C GLU C 115 6.13 22.78 0.99
N ILE C 116 6.92 21.93 1.62
CA ILE C 116 6.99 20.49 1.29
C ILE C 116 6.23 19.65 2.33
N HIS C 117 5.46 18.67 1.83
CA HIS C 117 4.76 17.75 2.67
C HIS C 117 5.22 16.32 2.34
N VAL C 118 5.62 15.57 3.35
CA VAL C 118 5.92 14.13 3.21
C VAL C 118 4.84 13.39 3.99
N VAL C 119 3.99 12.66 3.26
CA VAL C 119 2.81 12.03 3.84
C VAL C 119 3.12 10.58 4.19
N HIS C 120 2.73 10.17 5.40
CA HIS C 120 3.03 8.85 5.95
C HIS C 120 1.76 8.16 6.47
N LEU C 121 1.77 6.83 6.42
CA LEU C 121 0.67 5.98 6.89
C LEU C 121 1.12 5.26 8.14
N SER C 122 0.28 5.29 9.19
CA SER C 122 0.56 4.54 10.40
C SER C 122 0.76 3.04 10.09
N THR C 123 1.77 2.41 10.69
CA THR C 123 2.10 0.96 10.48
C THR C 123 0.93 0.07 10.82
N ALA C 124 -0.28 0.67 11.83
CA ALA C 124 -1.46 -0.10 12.21
C ALA C 124 -2.41 -0.28 11.07
N PHE C 125 -2.18 0.40 9.93
CA PHE C 125 -3.08 0.38 8.81
C PHE C 125 -2.39 -0.08 7.55
N ALA C 126 -3.07 -0.92 6.78
CA ALA C 126 -2.53 -1.43 5.53
C ALA C 126 -2.74 -0.48 4.37
N ARG C 127 -3.86 0.24 4.38
CA ARG C 127 -4.25 1.12 3.29
C ARG C 127 -4.63 2.51 3.80
N VAL C 128 -4.43 3.50 2.96
CA VAL C 128 -4.86 4.87 3.27
C VAL C 128 -6.37 4.94 3.58
N ASP C 129 -7.21 4.24 2.82
CA ASP C 129 -8.66 4.33 3.04
C ASP C 129 -9.12 3.91 4.44
N GLU C 130 -8.42 2.96 5.06
CA GLU C 130 -8.66 2.55 6.46
C GLU C 130 -8.20 3.61 7.47
N ALA C 131 -7.15 4.34 7.13
CA ALA C 131 -6.54 5.34 8.02
C ALA C 131 -7.26 6.69 8.00
N LEU C 132 -7.97 6.99 6.92
CA LEU C 132 -8.62 8.29 6.77
C LEU C 132 -9.63 8.49 7.90
N GLY C 133 -9.52 9.63 8.59
CA GLY C 133 -10.41 9.94 9.69
C GLY C 133 -10.10 9.25 11.00
N ARG C 134 -9.10 8.36 11.04
CA ARG C 134 -8.77 7.64 12.26
C ARG C 134 -7.66 8.42 12.98
N PRO C 135 -7.66 8.40 14.33
CA PRO C 135 -6.69 9.22 15.09
C PRO C 135 -5.27 8.77 14.84
N GLY C 136 -4.46 9.68 14.31
CA GLY C 136 -3.06 9.36 14.00
C GLY C 136 -2.83 8.36 12.87
N GLY C 137 -3.85 8.13 12.04
CA GLY C 137 -3.77 7.19 10.93
C GLY C 137 -2.80 7.68 9.86
N LEU C 138 -2.80 8.99 9.60
CA LEU C 138 -1.83 9.62 8.71
C LEU C 138 -1.00 10.62 9.48
N ALA C 139 0.26 10.78 9.06
CA ALA C 139 1.17 11.77 9.62
C ALA C 139 1.87 12.48 8.49
N VAL C 140 1.92 13.82 8.56
CA VAL C 140 2.59 14.61 7.52
C VAL C 140 3.75 15.36 8.16
N LEU C 141 4.92 15.26 7.52
CA LEU C 141 6.08 16.09 7.89
C LEU C 141 6.07 17.29 6.93
N ALA C 142 6.10 18.51 7.51
CA ALA C 142 5.95 19.72 6.73
C ALA C 142 7.11 20.67 7.01
N ALA C 143 7.72 21.19 5.96
CA ALA C 143 8.78 22.21 6.09
C ALA C 143 8.56 23.34 5.14
N PHE C 144 8.89 24.54 5.61
CA PHE C 144 8.80 25.75 4.79
C PHE C 144 10.03 25.83 3.89
N LEU C 145 9.80 26.28 2.66
CA LEU C 145 10.87 26.59 1.73
C LEU C 145 10.98 28.12 1.59
N GLU C 146 12.18 28.65 1.80
CA GLU C 146 12.47 30.08 1.75
C GLU C 146 13.54 30.36 0.71
N GLU C 147 13.59 31.60 0.26
CA GLU C 147 14.67 32.07 -0.61
C GLU C 147 16.00 32.12 0.15
N GLY C 148 17.02 31.47 -0.40
CA GLY C 148 18.40 31.60 0.08
C GLY C 148 19.31 32.03 -1.08
N PRO C 149 20.59 32.33 -0.79
CA PRO C 149 21.52 32.73 -1.85
C PRO C 149 22.01 31.58 -2.73
N GLU C 150 22.20 30.39 -2.17
CA GLU C 150 22.77 29.23 -2.90
C GLU C 150 21.68 28.34 -3.53
N GLU C 151 22.08 27.62 -4.58
CA GLU C 151 21.24 26.59 -5.18
C GLU C 151 21.21 25.36 -4.26
N ASN C 152 20.00 24.90 -3.93
CA ASN C 152 19.84 23.67 -3.18
C ASN C 152 19.93 22.51 -4.16
N SER C 153 20.99 21.72 -4.04
CA SER C 153 21.24 20.63 -4.99
C SER C 153 20.33 19.41 -4.80
N ALA C 154 19.87 19.17 -3.58
CA ALA C 154 18.87 18.11 -3.34
C ALA C 154 17.61 18.43 -4.14
N TYR C 155 17.09 19.65 -4.01
CA TYR C 155 15.90 20.06 -4.75
C TYR C 155 16.14 20.14 -6.25
N GLU C 156 17.36 20.47 -6.67
CA GLU C 156 17.65 20.57 -8.12
C GLU C 156 17.35 19.26 -8.89
N GLN C 157 17.60 18.12 -8.26
CA GLN C 157 17.23 16.81 -8.82
C GLN C 157 15.78 16.69 -9.27
N LEU C 158 14.86 17.29 -8.51
CA LEU C 158 13.45 17.29 -8.87
C LEU C 158 13.06 18.50 -9.71
N LEU C 159 13.58 19.68 -9.36
CA LEU C 159 13.18 20.91 -10.07
C LEU C 159 13.60 20.88 -11.55
N SER C 160 14.76 20.28 -11.83
CA SER C 160 15.24 20.11 -13.21
C SER C 160 14.39 19.16 -14.08
N ARG C 161 13.51 18.38 -13.44
CA ARG C 161 12.59 17.48 -14.13
C ARG C 161 11.16 18.01 -14.32
N LEU C 162 10.86 19.20 -13.79
CA LEU C 162 9.52 19.75 -13.90
C LEU C 162 9.10 20.09 -15.31
N GLU C 163 10.06 20.53 -16.14
CA GLU C 163 9.77 20.88 -17.53
C GLU C 163 9.16 19.71 -18.31
N GLU C 164 9.68 18.49 -18.08
CA GLU C 164 9.12 17.26 -18.65
C GLU C 164 7.66 16.97 -18.33
N ILE C 165 7.22 17.43 -17.16
CA ILE C 165 5.85 17.18 -16.72
C ILE C 165 4.99 18.46 -16.62
N ALA C 166 5.28 19.43 -17.50
CA ALA C 166 4.55 20.69 -17.50
C ALA C 166 3.06 20.46 -17.73
N GLU C 167 2.73 19.52 -18.61
CA GLU C 167 1.35 19.20 -18.92
C GLU C 167 0.62 18.63 -17.70
N GLU C 168 -0.58 19.15 -17.43
CA GLU C 168 -1.48 18.56 -16.44
C GLU C 168 -1.66 17.04 -16.67
N GLY C 169 -1.47 16.25 -15.62
CA GLY C 169 -1.70 14.80 -15.69
C GLY C 169 -0.55 14.00 -16.31
N SER C 170 0.63 14.62 -16.43
CA SER C 170 1.79 13.97 -17.03
C SER C 170 2.74 13.51 -15.94
N GLU C 171 3.61 12.56 -16.27
CA GLU C 171 4.51 12.03 -15.28
C GLU C 171 5.79 11.54 -15.92
N THR C 172 6.80 11.42 -15.09
CA THR C 172 8.11 10.98 -15.53
C THR C 172 8.82 10.18 -14.43
N GLN C 173 9.69 9.27 -14.84
CA GLN C 173 10.49 8.50 -13.90
C GLN C 173 11.79 9.26 -13.60
N VAL C 174 12.13 9.36 -12.31
CA VAL C 174 13.34 10.05 -11.84
C VAL C 174 14.17 9.11 -10.95
N PRO C 175 15.50 9.28 -10.93
CA PRO C 175 16.33 8.45 -10.05
C PRO C 175 15.97 8.65 -8.58
N GLY C 176 16.06 7.60 -7.79
CA GLY C 176 15.99 7.72 -6.35
C GLY C 176 17.02 8.72 -5.84
N LEU C 177 16.74 9.31 -4.69
CA LEU C 177 17.60 10.34 -4.09
C LEU C 177 17.42 10.32 -2.59
N ASP C 178 18.27 11.08 -1.89
CA ASP C 178 18.16 11.21 -0.45
C ASP C 178 16.94 12.09 -0.11
N ILE C 179 15.86 11.45 0.28
CA ILE C 179 14.60 12.15 0.52
C ILE C 179 14.75 13.04 1.76
N SER C 180 15.54 12.59 2.72
CA SER C 180 15.75 13.38 3.93
C SER C 180 16.56 14.68 3.67
N ALA C 181 17.27 14.76 2.54
CA ALA C 181 17.99 15.99 2.19
C ALA C 181 17.06 17.08 1.65
N LEU C 182 15.79 16.76 1.43
CA LEU C 182 14.77 17.74 1.09
C LEU C 182 14.18 18.39 2.35
N LEU C 183 14.50 17.83 3.53
CA LEU C 183 14.00 18.33 4.80
C LEU C 183 15.09 19.08 5.57
N PRO C 184 14.70 19.86 6.60
CA PRO C 184 15.74 20.52 7.43
C PRO C 184 16.65 19.53 8.15
N SER C 185 17.86 19.98 8.49
CA SER C 185 18.80 19.15 9.25
C SER C 185 18.40 18.98 10.71
N ASP C 186 17.62 19.93 11.23
CA ASP C 186 17.21 19.93 12.64
C ASP C 186 15.87 19.20 12.79
N PHE C 187 15.93 17.96 13.25
CA PHE C 187 14.75 17.12 13.52
C PHE C 187 14.29 17.18 14.98
N SER C 188 14.94 18.02 15.80
CA SER C 188 14.60 18.15 17.22
C SER C 188 13.60 19.28 17.54
N ARG C 189 13.53 20.28 16.66
CA ARG C 189 12.71 21.47 16.89
C ARG C 189 11.53 21.55 15.91
N TYR C 190 10.32 21.41 16.44
CA TYR C 190 9.14 21.41 15.60
C TYR C 190 7.86 21.70 16.38
N PHE C 191 6.82 22.03 15.62
CA PHE C 191 5.47 22.15 16.12
C PHE C 191 4.68 20.92 15.72
N GLN C 192 3.71 20.53 16.54
CA GLN C 192 2.87 19.38 16.22
C GLN C 192 1.43 19.63 16.65
N TYR C 193 0.48 19.27 15.78
CA TYR C 193 -0.94 19.36 16.09
C TYR C 193 -1.70 18.40 15.24
N GLU C 194 -2.95 18.15 15.62
CA GLU C 194 -3.80 17.24 14.90
C GLU C 194 -4.72 18.04 14.02
N GLY C 195 -4.82 17.64 12.76
CA GLY C 195 -5.70 18.31 11.81
C GLY C 195 -6.20 17.39 10.70
N SER C 196 -6.18 17.90 9.47
CA SER C 196 -6.78 17.24 8.33
C SER C 196 -5.89 17.25 7.11
N LEU C 197 -6.29 16.48 6.09
CA LEU C 197 -5.73 16.67 4.77
C LEU C 197 -6.19 18.05 4.28
N THR C 198 -5.44 18.63 3.36
CA THR C 198 -5.76 19.97 2.85
C THR C 198 -6.32 19.92 1.43
N THR C 199 -6.77 18.75 1.01
CA THR C 199 -7.45 18.55 -0.25
C THR C 199 -8.58 17.55 0.02
N PRO C 200 -9.68 17.59 -0.76
CA PRO C 200 -10.70 16.58 -0.52
C PRO C 200 -10.12 15.17 -0.56
N PRO C 201 -10.52 14.27 0.35
CA PRO C 201 -11.68 14.41 1.24
C PRO C 201 -11.48 15.17 2.56
N CYS C 202 -10.32 15.81 2.79
CA CYS C 202 -10.08 16.62 4.01
C CYS C 202 -10.32 15.89 5.32
N ALA C 203 -9.93 14.61 5.33
CA ALA C 203 -10.20 13.77 6.47
C ALA C 203 -9.37 14.21 7.66
N GLN C 204 -9.96 14.11 8.85
CA GLN C 204 -9.33 14.55 10.09
C GLN C 204 -8.53 13.39 10.71
N GLY C 205 -7.91 13.64 11.85
CA GLY C 205 -7.03 12.67 12.50
C GLY C 205 -5.58 12.69 12.03
N VAL C 206 -5.22 13.66 11.19
CA VAL C 206 -3.88 13.72 10.63
C VAL C 206 -2.95 14.40 11.62
N ILE C 207 -1.83 13.77 11.95
CA ILE C 207 -0.83 14.41 12.82
C ILE C 207 0.11 15.22 11.94
N TRP C 208 0.11 16.54 12.13
CA TRP C 208 0.99 17.45 11.39
C TRP C 208 2.18 17.83 12.24
N THR C 209 3.38 17.67 11.68
CA THR C 209 4.61 18.08 12.33
C THR C 209 5.25 19.09 11.39
N VAL C 210 5.42 20.32 11.89
CA VAL C 210 5.92 21.45 11.10
C VAL C 210 7.29 21.81 11.67
N PHE C 211 8.35 21.66 10.87
CA PHE C 211 9.71 21.97 11.33
C PHE C 211 9.84 23.46 11.66
N ASN C 212 10.62 23.75 12.70
CA ASN C 212 10.99 25.14 13.03
C ASN C 212 12.00 25.66 11.98
N GLN C 213 13.04 24.89 11.71
CA GLN C 213 14.04 25.27 10.70
C GLN C 213 13.43 25.17 9.29
N THR C 214 13.78 26.12 8.43
CA THR C 214 13.36 26.13 7.03
C THR C 214 14.43 25.51 6.14
N VAL C 215 14.06 25.31 4.88
CA VAL C 215 14.94 24.83 3.83
C VAL C 215 15.09 25.98 2.83
N MET C 216 16.30 26.18 2.32
CA MET C 216 16.57 27.30 1.42
C MET C 216 16.75 26.85 -0.05
N LEU C 217 15.98 27.47 -0.93
CA LEU C 217 16.10 27.32 -2.38
C LEU C 217 16.53 28.67 -2.95
N SER C 218 17.17 28.65 -4.12
CA SER C 218 17.53 29.90 -4.83
C SER C 218 16.27 30.54 -5.37
N ALA C 219 16.34 31.83 -5.64
CA ALA C 219 15.23 32.54 -6.29
C ALA C 219 14.83 31.88 -7.61
N LYS C 220 15.84 31.44 -8.37
CA LYS C 220 15.62 30.76 -9.65
C LYS C 220 14.86 29.43 -9.45
N GLN C 221 15.29 28.65 -8.47
CA GLN C 221 14.62 27.39 -8.11
C GLN C 221 13.17 27.61 -7.71
N LEU C 222 12.91 28.64 -6.89
CA LEU C 222 11.54 28.97 -6.49
C LEU C 222 10.72 29.40 -7.69
N HIS C 223 11.35 30.12 -8.62
CA HIS C 223 10.67 30.51 -9.85
C HIS C 223 10.38 29.30 -10.74
N THR C 224 11.34 28.38 -10.84
CA THR C 224 11.12 27.13 -11.58
C THR C 224 9.93 26.36 -11.01
N LEU C 225 9.90 26.22 -9.69
CA LEU C 225 8.77 25.55 -9.02
C LEU C 225 7.43 26.18 -9.38
N SER C 226 7.37 27.52 -9.34
CA SER C 226 6.08 28.21 -9.50
C SER C 226 5.66 28.50 -10.94
N ASP C 227 6.58 28.45 -11.89
CA ASP C 227 6.29 28.91 -13.26
C ASP C 227 6.37 27.84 -14.36
N THR C 228 6.59 26.58 -14.00
CA THR C 228 6.80 25.53 -14.99
C THR C 228 5.55 24.70 -15.27
N LEU C 229 4.76 24.40 -14.24
CA LEU C 229 3.69 23.42 -14.36
C LEU C 229 2.36 24.06 -14.69
N TRP C 230 1.55 23.35 -15.46
CA TRP C 230 0.23 23.78 -15.87
C TRP C 230 -0.84 22.91 -15.24
N GLY C 231 -2.03 23.49 -15.07
CA GLY C 231 -3.11 22.89 -14.32
C GLY C 231 -4.37 22.77 -15.17
N PRO C 232 -5.53 22.64 -14.51
CA PRO C 232 -6.81 22.57 -15.21
C PRO C 232 -7.33 23.97 -15.56
N GLY C 233 -8.93 23.21 -18.08
CA GLY C 233 -8.54 24.54 -18.51
C GLY C 233 -7.06 24.67 -18.80
N ASP C 234 -6.63 25.87 -19.17
CA ASP C 234 -5.24 26.16 -19.54
C ASP C 234 -4.64 27.15 -18.54
N SER C 235 -4.71 26.81 -17.25
CA SER C 235 -4.16 27.65 -16.18
C SER C 235 -2.75 27.21 -15.80
N ARG C 236 -1.93 28.18 -15.38
CA ARG C 236 -0.69 27.87 -14.66
C ARG C 236 -1.03 27.22 -13.33
N LEU C 237 -0.20 26.27 -12.90
CA LEU C 237 -0.38 25.63 -11.59
C LEU C 237 0.38 26.45 -10.55
N GLN C 238 -0.38 27.29 -9.85
CA GLN C 238 0.17 28.31 -8.95
C GLN C 238 -0.80 28.54 -7.81
N LEU C 239 -0.27 29.02 -6.69
CA LEU C 239 -1.10 29.38 -5.53
C LEU C 239 -1.98 28.19 -5.09
N ASN C 240 -1.34 27.02 -5.03
CA ASN C 240 -2.03 25.76 -4.75
C ASN C 240 -1.99 25.44 -3.26
N PHE C 241 -2.45 26.39 -2.46
CA PHE C 241 -2.54 26.23 -1.01
C PHE C 241 -3.97 26.47 -0.59
N ARG C 242 -4.38 25.79 0.48
CA ARG C 242 -5.69 25.99 1.06
C ARG C 242 -5.63 27.16 2.04
N ALA C 243 -6.75 27.88 2.15
CA ALA C 243 -6.86 28.97 3.12
C ALA C 243 -6.64 28.48 4.56
N THR C 244 -6.07 29.36 5.38
CA THR C 244 -5.91 29.13 6.82
C THR C 244 -7.21 28.73 7.48
N GLN C 245 -7.14 27.73 8.37
CA GLN C 245 -8.33 27.21 9.04
C GLN C 245 -8.19 27.48 10.51
N PRO C 246 -9.31 27.78 11.20
CA PRO C 246 -9.15 28.13 12.62
C PRO C 246 -8.76 26.94 13.48
N LEU C 247 -7.94 27.19 14.50
CA LEU C 247 -7.61 26.15 15.48
C LEU C 247 -8.82 25.58 16.24
N ASN C 248 -9.82 26.43 16.48
CA ASN C 248 -11.07 26.00 17.12
C ASN C 248 -10.88 25.27 18.47
N GLY C 249 -9.92 25.75 19.25
CA GLY C 249 -9.65 25.19 20.57
C GLY C 249 -8.50 24.23 20.67
N ARG C 250 -8.01 23.72 19.53
CA ARG C 250 -6.81 22.90 19.53
C ARG C 250 -5.63 23.72 19.99
N VAL C 251 -4.73 23.08 20.72
CA VAL C 251 -3.45 23.66 21.12
C VAL C 251 -2.32 23.06 20.31
N ILE C 252 -1.49 23.91 19.70
CA ILE C 252 -0.30 23.45 18.97
C ILE C 252 0.79 23.16 20.00
N GLU C 253 1.39 21.97 19.92
CA GLU C 253 2.51 21.62 20.79
C GLU C 253 3.83 22.02 20.12
N ALA C 254 4.83 22.34 20.93
CA ALA C 254 6.19 22.64 20.44
C ALA C 254 7.18 21.75 21.16
N SER C 255 8.20 21.26 20.45
CA SER C 255 9.17 20.34 21.04
C SER C 255 10.30 21.10 21.77
N PHE C 256 10.21 22.42 21.82
CA PHE C 256 11.25 23.26 22.41
C PHE C 256 10.62 24.43 23.19
N PRO C 257 11.33 24.90 24.22
CA PRO C 257 10.79 25.98 25.07
C PRO C 257 10.77 27.35 24.39
N SER D 19 0.44 -15.66 24.59
CA SER D 19 0.19 -14.63 23.52
C SER D 19 1.48 -13.86 23.23
N PRO D 20 2.06 -14.05 22.03
CA PRO D 20 3.22 -13.26 21.64
C PRO D 20 3.00 -11.74 21.75
N ALA D 21 1.76 -11.30 21.59
CA ALA D 21 1.41 -9.90 21.75
C ALA D 21 1.79 -9.33 23.14
N CYS D 22 1.73 -10.18 24.17
CA CYS D 22 2.09 -9.75 25.53
C CYS D 22 3.57 -9.46 25.74
N ALA D 23 4.43 -9.85 24.78
CA ALA D 23 5.85 -9.49 24.78
C ALA D 23 6.13 -8.31 23.86
N GLY D 24 5.10 -7.56 23.49
CA GLY D 24 5.29 -6.32 22.77
C GLY D 24 6.14 -5.34 23.54
N ARG D 25 6.60 -4.33 22.83
CA ARG D 25 7.53 -3.35 23.39
C ARG D 25 6.87 -2.24 24.24
N PHE D 26 5.55 -2.07 24.12
CA PHE D 26 4.86 -0.89 24.70
C PHE D 26 3.62 -1.36 25.43
N GLN D 27 3.88 -2.07 26.54
CA GLN D 27 2.84 -2.73 27.30
C GLN D 27 2.44 -1.91 28.54
N SER D 28 1.32 -2.33 29.14
CA SER D 28 0.79 -1.78 30.38
C SER D 28 0.59 -2.92 31.35
N PRO D 29 0.52 -2.66 32.66
CA PRO D 29 0.67 -1.34 33.26
C PRO D 29 2.13 -0.94 33.44
N VAL D 30 2.33 0.26 33.98
CA VAL D 30 3.65 0.83 34.17
C VAL D 30 3.79 1.48 35.54
N ASP D 31 5.05 1.71 35.92
CA ASP D 31 5.37 2.44 37.13
C ASP D 31 5.45 3.90 36.77
N ILE D 32 4.63 4.71 37.43
CA ILE D 32 4.58 6.15 37.19
C ILE D 32 5.54 6.80 38.15
N ARG D 33 6.52 7.52 37.63
CA ARG D 33 7.45 8.29 38.44
C ARG D 33 7.17 9.76 38.14
N PRO D 34 6.35 10.43 38.99
CA PRO D 34 5.90 11.80 38.68
C PRO D 34 6.98 12.83 38.39
N GLN D 35 8.16 12.67 38.98
CA GLN D 35 9.27 13.62 38.73
C GLN D 35 9.89 13.44 37.35
N LEU D 36 9.70 12.27 36.74
CA LEU D 36 10.12 12.01 35.35
C LEU D 36 8.98 12.19 34.32
N ALA D 37 7.77 12.48 34.80
CA ALA D 37 6.66 12.82 33.92
C ALA D 37 6.89 14.17 33.26
N ALA D 38 6.47 14.30 32.00
CA ALA D 38 6.57 15.54 31.26
C ALA D 38 5.24 16.31 31.37
N PHE D 39 5.32 17.55 31.86
CA PHE D 39 4.15 18.43 31.91
C PHE D 39 3.83 18.87 30.51
N SER D 40 2.62 18.55 30.08
CA SER D 40 2.14 18.85 28.73
C SER D 40 0.90 19.72 28.88
N PRO D 41 1.08 21.05 28.74
CA PRO D 41 -0.05 21.98 28.94
C PRO D 41 -1.20 21.84 27.96
N ALA D 42 -0.99 21.14 26.84
CA ALA D 42 -2.09 20.84 25.92
C ALA D 42 -3.12 19.85 26.48
N LEU D 43 -2.77 19.09 27.50
CA LEU D 43 -3.69 18.13 28.11
C LEU D 43 -4.80 18.86 28.86
N ARG D 44 -6.02 18.81 28.32
CA ARG D 44 -7.17 19.57 28.85
C ARG D 44 -7.97 18.73 29.83
N PRO D 45 -8.86 19.37 30.62
CA PRO D 45 -9.74 18.56 31.45
C PRO D 45 -10.56 17.55 30.65
N LEU D 46 -10.66 16.34 31.19
CA LEU D 46 -11.48 15.26 30.62
C LEU D 46 -12.98 15.65 30.61
N GLU D 47 -13.69 15.29 29.54
CA GLU D 47 -15.12 15.57 29.43
C GLU D 47 -15.85 14.24 29.38
N LEU D 48 -16.74 14.01 30.34
CA LEU D 48 -17.57 12.81 30.44
C LEU D 48 -19.04 13.21 30.51
N LEU D 49 -19.81 12.93 29.46
CA LEU D 49 -21.23 13.23 29.39
C LEU D 49 -22.05 11.95 29.24
N GLY D 50 -23.25 11.98 29.80
CA GLY D 50 -24.15 10.80 29.78
C GLY D 50 -23.85 9.71 30.78
N PHE D 51 -22.96 9.98 31.76
CA PHE D 51 -22.55 8.99 32.73
C PHE D 51 -23.53 8.86 33.90
N GLN D 52 -24.46 9.82 34.06
CA GLN D 52 -25.41 9.80 35.17
C GLN D 52 -26.63 9.01 34.73
N LEU D 53 -26.55 7.69 34.89
CA LEU D 53 -27.57 6.81 34.36
C LEU D 53 -28.80 6.75 35.29
N PRO D 54 -29.99 6.65 34.70
CA PRO D 54 -31.18 6.40 35.53
C PRO D 54 -31.25 4.96 36.03
N PRO D 55 -32.14 4.67 37.00
CA PRO D 55 -32.21 3.30 37.55
C PRO D 55 -32.59 2.20 36.55
N LEU D 56 -33.41 2.53 35.54
CA LEU D 56 -33.74 1.59 34.45
C LEU D 56 -33.36 2.18 33.09
N PRO D 57 -32.87 1.35 32.16
CA PRO D 57 -32.71 -0.11 32.24
C PRO D 57 -31.56 -0.52 33.15
N GLU D 58 -31.64 -1.76 33.67
CA GLU D 58 -30.57 -2.33 34.51
C GLU D 58 -29.34 -2.67 33.68
N LEU D 59 -28.23 -2.87 34.38
CA LEU D 59 -26.93 -3.13 33.78
CA LEU D 59 -26.94 -3.15 33.76
C LEU D 59 -26.45 -4.52 34.17
N ARG D 60 -25.77 -5.18 33.25
CA ARG D 60 -25.24 -6.52 33.47
C ARG D 60 -23.97 -6.42 34.30
N LEU D 61 -23.94 -7.11 35.45
CA LEU D 61 -22.73 -7.22 36.26
C LEU D 61 -22.31 -8.68 36.27
N ARG D 62 -21.07 -8.95 35.85
CA ARG D 62 -20.62 -10.32 35.54
C ARG D 62 -19.29 -10.65 36.19
N ASN D 63 -19.25 -11.80 36.87
CA ASN D 63 -17.97 -12.39 37.28
C ASN D 63 -17.51 -13.22 36.07
N ASN D 64 -16.45 -12.77 35.41
CA ASN D 64 -15.93 -13.47 34.22
C ASN D 64 -14.71 -14.36 34.52
N GLY D 65 -14.33 -14.43 35.79
CA GLY D 65 -13.21 -15.27 36.22
C GLY D 65 -11.89 -14.56 36.35
N HIS D 66 -11.73 -13.45 35.64
CA HIS D 66 -10.52 -12.61 35.73
C HIS D 66 -10.78 -11.29 36.46
N SER D 67 -12.02 -10.80 36.41
CA SER D 67 -12.45 -9.59 37.10
C SER D 67 -13.96 -9.60 37.24
N VAL D 68 -14.51 -8.54 37.85
CA VAL D 68 -15.94 -8.27 37.81
C VAL D 68 -16.13 -7.12 36.82
N GLN D 69 -17.06 -7.29 35.90
CA GLN D 69 -17.24 -6.40 34.77
C GLN D 69 -18.66 -5.89 34.80
N LEU D 70 -18.82 -4.57 34.68
CA LEU D 70 -20.11 -3.93 34.48
C LEU D 70 -20.19 -3.48 33.05
N THR D 71 -21.20 -3.96 32.31
CA THR D 71 -21.42 -3.54 30.94
C THR D 71 -22.16 -2.20 30.91
N LEU D 72 -21.65 -1.26 30.12
CA LEU D 72 -22.24 0.08 30.05
C LEU D 72 -23.11 0.23 28.81
N PRO D 73 -24.20 1.00 28.91
CA PRO D 73 -25.11 1.16 27.80
C PRO D 73 -24.59 2.18 26.77
N PRO D 74 -25.27 2.25 25.61
CA PRO D 74 -25.02 3.32 24.67
C PRO D 74 -25.84 4.52 25.12
N GLY D 75 -24.22 5.83 24.87
CA GLY D 75 -24.47 7.23 25.12
C GLY D 75 -23.62 7.77 26.24
N LEU D 76 -22.63 7.01 26.71
CA LEU D 76 -21.61 7.52 27.62
C LEU D 76 -20.45 8.06 26.78
N GLU D 77 -20.38 9.38 26.63
CA GLU D 77 -19.44 9.99 25.70
C GLU D 77 -18.30 10.65 26.49
N MET D 78 -17.08 10.52 25.96
CA MET D 78 -15.89 10.97 26.66
C MET D 78 -14.95 11.60 25.63
N ALA D 79 -14.30 12.70 26.01
CA ALA D 79 -13.30 13.31 25.17
C ALA D 79 -11.99 13.46 25.91
N LEU D 80 -10.90 13.07 25.24
CA LEU D 80 -9.54 13.30 25.74
C LEU D 80 -9.00 14.65 25.30
N GLY D 81 -9.65 15.22 24.31
CA GLY D 81 -9.19 16.42 23.68
C GLY D 81 -10.21 16.74 22.62
N PRO D 82 -9.87 18.32 21.82
CA PRO D 82 -10.88 18.67 20.83
C PRO D 82 -10.92 17.60 19.71
N GLY D 83 -12.09 17.03 19.45
CA GLY D 83 -12.25 16.05 18.37
C GLY D 83 -11.78 14.64 18.64
N ARG D 84 -11.32 14.36 19.87
CA ARG D 84 -10.79 13.05 20.23
C ARG D 84 -11.78 12.39 21.20
N GLU D 85 -12.83 11.84 20.60
CA GLU D 85 -13.99 11.38 21.32
C GLU D 85 -14.09 9.87 21.36
N TYR D 86 -14.79 9.41 22.40
CA TYR D 86 -14.86 8.01 22.80
C TYR D 86 -16.25 7.72 23.32
N ARG D 87 -16.62 6.43 23.30
CA ARG D 87 -17.81 5.98 24.01
C ARG D 87 -17.45 4.88 25.00
N ALA D 88 -18.00 4.93 26.20
CA ALA D 88 -17.70 3.93 27.23
C ALA D 88 -18.35 2.58 26.91
N LEU D 89 -17.60 1.49 27.11
CA LEU D 89 -18.05 0.11 26.84
C LEU D 89 -18.35 -0.66 28.12
N GLN D 90 -17.44 -0.55 29.07
CA GLN D 90 -17.53 -1.29 30.33
C GLN D 90 -16.56 -0.76 31.33
N LEU D 91 -16.73 -1.20 32.56
CA LEU D 91 -15.74 -1.00 33.59
C LEU D 91 -15.52 -2.30 34.36
N HIS D 92 -14.34 -2.40 34.96
CA HIS D 92 -13.92 -3.57 35.72
C HIS D 92 -12.89 -3.13 36.73
N LEU D 93 -12.53 -4.04 37.64
CA LEU D 93 -11.56 -3.75 38.67
C LEU D 93 -10.43 -4.75 38.78
N HIS D 94 -9.35 -4.27 39.40
CA HIS D 94 -8.17 -5.05 39.78
C HIS D 94 -7.90 -4.83 41.27
N TRP D 95 -7.64 -5.92 41.98
CA TRP D 95 -7.50 -5.91 43.42
C TRP D 95 -6.53 -6.99 43.92
N GLY D 96 -6.21 -6.96 45.21
CA GLY D 96 -5.22 -7.88 45.78
C GLY D 96 -5.86 -8.95 46.62
N ALA D 97 -5.41 -9.05 47.87
CA ALA D 97 -6.01 -9.96 48.86
C ALA D 97 -5.77 -9.41 50.27
N ALA D 98 -6.19 -10.14 51.29
CA ALA D 98 -6.06 -9.69 52.68
C ALA D 98 -4.65 -9.18 52.97
N GLY D 99 -4.55 -7.89 53.29
CA GLY D 99 -3.26 -7.25 53.61
C GLY D 99 -2.25 -7.16 52.47
N ARG D 100 -2.74 -7.21 51.22
CA ARG D 100 -1.88 -7.16 50.04
C ARG D 100 -2.53 -6.30 48.94
N PRO D 101 -1.87 -5.21 48.53
CA PRO D 101 -2.49 -4.35 47.52
C PRO D 101 -2.49 -5.01 46.13
N GLY D 102 -3.38 -4.55 45.26
CA GLY D 102 -3.51 -5.13 43.93
C GLY D 102 -3.86 -4.17 42.80
N SER D 103 -3.42 -2.92 42.90
CA SER D 103 -3.49 -2.01 41.74
C SER D 103 -2.53 -2.50 40.63
N GLU D 104 -2.80 -2.08 39.40
CA GLU D 104 -1.96 -2.46 38.27
C GLU D 104 -0.85 -1.48 38.08
N HIS D 105 -1.21 -0.20 37.94
CA HIS D 105 -0.24 0.87 37.91
C HIS D 105 0.31 1.07 39.32
N THR D 106 1.54 1.54 39.40
CA THR D 106 2.20 1.87 40.65
C THR D 106 2.71 3.29 40.53
N VAL D 107 2.93 3.94 41.67
CA VAL D 107 3.54 5.27 41.69
C VAL D 107 4.78 5.18 42.57
N GLU D 108 5.94 5.48 41.98
CA GLU D 108 7.26 5.33 42.63
C GLU D 108 7.44 3.99 43.36
N GLY D 109 6.93 2.92 42.76
CA GLY D 109 6.97 1.59 43.37
C GLY D 109 5.81 1.24 44.28
N HIS D 110 5.01 2.23 44.68
CA HIS D 110 3.87 1.99 45.57
C HIS D 110 2.67 1.42 44.80
N ARG D 111 2.20 0.28 45.25
CA ARG D 111 0.98 -0.34 44.76
C ARG D 111 -0.16 0.02 45.70
N PHE D 112 -1.28 0.42 45.12
CA PHE D 112 -2.46 0.84 45.87
C PHE D 112 -3.35 -0.37 46.09
N PRO D 113 -4.29 -0.30 47.04
CA PRO D 113 -5.17 -1.43 47.31
C PRO D 113 -5.91 -2.00 46.09
N ALA D 114 -6.47 -1.13 45.23
CA ALA D 114 -7.17 -1.59 44.05
C ALA D 114 -7.19 -0.51 42.95
N GLU D 115 -7.81 -0.83 41.82
CA GLU D 115 -7.79 0.05 40.66
C GLU D 115 -9.02 -0.21 39.82
N ILE D 116 -9.70 0.87 39.42
CA ILE D 116 -10.84 0.80 38.52
C ILE D 116 -10.43 1.23 37.10
N HIS D 117 -10.98 0.55 36.11
CA HIS D 117 -10.72 0.80 34.69
C HIS D 117 -12.03 0.98 33.95
N VAL D 118 -12.19 2.12 33.29
CA VAL D 118 -13.35 2.39 32.47
C VAL D 118 -12.86 2.38 31.03
N VAL D 119 -13.28 1.37 30.28
CA VAL D 119 -12.76 1.14 28.93
C VAL D 119 -13.66 1.80 27.89
N HIS D 120 -13.06 2.55 26.97
CA HIS D 120 -13.79 3.25 25.93
C HIS D 120 -13.31 2.92 24.51
N LEU D 121 -14.23 3.08 23.56
CA LEU D 121 -13.99 2.91 22.12
C LEU D 121 -14.01 4.26 21.41
N SER D 122 -12.93 4.58 20.69
CA SER D 122 -12.91 5.74 19.79
C SER D 122 -14.10 5.73 18.85
N THR D 123 -14.75 6.89 18.71
CA THR D 123 -15.96 7.00 17.89
C THR D 123 -15.60 7.05 16.41
N ALA D 124 -14.06 7.00 15.99
CA ALA D 124 -13.60 6.72 14.65
C ALA D 124 -13.77 5.23 14.28
N PHE D 125 -14.12 4.36 15.23
CA PHE D 125 -14.28 2.92 14.96
C PHE D 125 -15.65 2.43 15.36
N ALA D 126 -16.33 1.72 14.47
CA ALA D 126 -17.64 1.17 14.77
C ALA D 126 -17.60 0.01 15.77
N ARG D 127 -16.50 -0.73 15.80
CA ARG D 127 -16.41 -1.95 16.58
C ARG D 127 -15.09 -2.01 17.34
N VAL D 128 -15.12 -2.67 18.49
CA VAL D 128 -13.93 -2.87 19.32
C VAL D 128 -12.83 -3.60 18.52
N ASP D 129 -13.25 -4.57 17.71
CA ASP D 129 -12.23 -5.40 17.02
C ASP D 129 -11.41 -4.64 15.97
N GLU D 130 -12.03 -3.65 15.34
CA GLU D 130 -11.32 -2.72 14.48
C GLU D 130 -10.31 -1.83 15.23
N ALA D 131 -10.65 -1.45 16.46
CA ALA D 131 -9.84 -0.55 17.27
C ALA D 131 -8.62 -1.21 17.91
N LEU D 132 -8.73 -2.50 18.20
CA LEU D 132 -7.63 -3.25 18.83
C LEU D 132 -6.36 -3.15 17.99
N GLY D 133 -5.27 -2.71 18.61
CA GLY D 133 -4.00 -2.49 17.94
C GLY D 133 -3.83 -1.20 17.15
N ARG D 134 -4.89 -0.39 17.03
CA ARG D 134 -4.81 0.87 16.28
C ARG D 134 -4.53 1.99 17.31
N PRO D 135 -3.65 2.93 16.98
CA PRO D 135 -3.29 3.98 17.96
C PRO D 135 -4.51 4.80 18.38
N GLY D 136 -4.78 4.85 19.68
CA GLY D 136 -5.92 5.59 20.19
C GLY D 136 -7.26 4.94 19.95
N GLY D 137 -7.29 3.69 19.45
CA GLY D 137 -8.54 3.02 19.20
C GLY D 137 -9.35 2.80 20.47
N LEU D 138 -8.67 2.40 21.53
CA LEU D 138 -9.23 2.26 22.86
C LEU D 138 -8.59 3.25 23.80
N ALA D 139 -9.36 3.70 24.77
CA ALA D 139 -8.88 4.58 25.83
C ALA D 139 -9.45 4.09 27.14
N VAL D 140 -8.60 3.97 28.14
CA VAL D 140 -8.99 3.52 29.45
C VAL D 140 -8.74 4.66 30.43
N LEU D 141 -9.76 4.95 31.25
CA LEU D 141 -9.63 5.85 32.40
C LEU D 141 -9.42 4.98 33.61
N ALA D 142 -8.33 5.23 34.32
CA ALA D 142 -7.91 4.46 35.48
C ALA D 142 -7.83 5.33 36.72
N ALA D 143 -8.38 4.84 37.82
CA ALA D 143 -8.23 5.47 39.14
C ALA D 143 -7.84 4.45 40.19
N PHE D 144 -6.97 4.88 41.09
CA PHE D 144 -6.56 4.09 42.24
C PHE D 144 -7.66 4.14 43.31
N LEU D 145 -7.89 3.00 43.97
CA LEU D 145 -8.80 2.90 45.09
C LEU D 145 -7.93 2.74 46.33
N GLU D 146 -8.15 3.62 47.32
CA GLU D 146 -7.38 3.67 48.58
C GLU D 146 -8.32 3.47 49.76
N GLU D 147 -7.75 3.08 50.90
CA GLU D 147 -8.53 2.93 52.14
C GLU D 147 -8.82 4.30 52.75
N GLY D 148 -10.09 4.56 53.04
CA GLY D 148 -10.50 5.75 53.79
C GLY D 148 -11.43 5.38 54.95
N PRO D 149 -11.77 6.37 55.79
CA PRO D 149 -12.62 6.12 56.96
C PRO D 149 -14.11 5.86 56.68
N GLU D 150 -14.65 6.38 55.58
CA GLU D 150 -16.10 6.28 55.30
C GLU D 150 -16.41 5.21 54.26
N GLU D 151 -17.62 4.68 54.34
CA GLU D 151 -18.17 3.83 53.30
C GLU D 151 -18.43 4.67 52.04
N ASN D 152 -17.90 4.23 50.91
CA ASN D 152 -18.16 4.85 49.61
C ASN D 152 -19.46 4.36 49.04
N SER D 153 -20.46 5.24 48.94
CA SER D 153 -21.79 4.83 48.52
C SER D 153 -21.90 4.47 47.01
N ALA D 154 -21.08 5.10 46.17
CA ALA D 154 -21.08 4.76 44.74
C ALA D 154 -20.60 3.30 44.52
N TYR D 155 -19.50 2.94 45.17
CA TYR D 155 -18.96 1.59 45.05
C TYR D 155 -19.81 0.56 45.75
N GLU D 156 -20.49 0.97 46.84
CA GLU D 156 -21.39 0.06 47.55
C GLU D 156 -22.50 -0.51 46.65
N GLN D 157 -22.91 0.24 45.62
CA GLN D 157 -23.86 -0.28 44.63
C GLN D 157 -23.39 -1.54 43.89
N LEU D 158 -22.08 -1.64 43.66
CA LEU D 158 -21.49 -2.79 43.00
C LEU D 158 -21.06 -3.83 44.03
N LEU D 159 -20.40 -3.38 45.08
CA LEU D 159 -19.84 -4.28 46.08
C LEU D 159 -20.91 -5.11 46.80
N SER D 160 -22.07 -4.49 47.06
CA SER D 160 -23.18 -5.20 47.69
C SER D 160 -23.80 -6.31 46.83
N ARG D 161 -23.47 -6.36 45.54
CA ARG D 161 -23.99 -7.37 44.64
C ARG D 161 -22.99 -8.46 44.27
N LEU D 162 -21.79 -8.45 44.85
CA LEU D 162 -20.76 -9.41 44.48
C LEU D 162 -21.06 -10.82 45.02
N GLU D 163 -21.64 -10.89 46.21
CA GLU D 163 -22.01 -12.16 46.85
C GLU D 163 -22.85 -13.04 45.90
N GLU D 164 -23.81 -12.45 45.20
CA GLU D 164 -24.68 -13.22 44.30
C GLU D 164 -24.08 -13.60 42.92
N ILE D 165 -22.85 -13.13 42.64
CA ILE D 165 -22.07 -13.57 41.47
C ILE D 165 -20.70 -14.13 41.90
N ALA D 166 -20.64 -14.74 43.09
CA ALA D 166 -19.38 -15.26 43.62
C ALA D 166 -18.75 -16.36 42.73
N GLU D 167 -19.58 -17.18 42.10
CA GLU D 167 -19.10 -18.27 41.25
C GLU D 167 -18.63 -17.72 39.89
N GLU D 168 -17.52 -18.26 39.40
CA GLU D 168 -16.97 -17.90 38.09
C GLU D 168 -18.04 -18.07 37.00
N GLY D 169 -18.16 -17.05 36.14
CA GLY D 169 -19.12 -17.08 35.05
C GLY D 169 -20.55 -16.71 35.37
N SER D 170 -20.88 -16.44 36.64
CA SER D 170 -22.25 -16.02 36.98
C SER D 170 -22.37 -14.50 36.82
N GLU D 171 -23.60 -14.05 36.60
CA GLU D 171 -23.90 -12.64 36.39
C GLU D 171 -25.23 -12.27 37.01
N THR D 172 -25.43 -10.97 37.20
CA THR D 172 -26.68 -10.42 37.73
C THR D 172 -27.01 -9.09 37.05
N GLN D 173 -28.25 -8.65 37.20
CA GLN D 173 -28.70 -7.34 36.71
C GLN D 173 -28.70 -6.37 37.90
N VAL D 174 -28.02 -5.22 37.77
CA VAL D 174 -28.02 -4.18 38.80
C VAL D 174 -28.66 -2.87 38.30
N PRO D 175 -29.26 -2.07 39.21
CA PRO D 175 -29.86 -0.82 38.75
C PRO D 175 -28.82 0.14 38.15
N GLY D 176 -29.24 0.96 37.21
CA GLY D 176 -28.39 2.01 36.68
C GLY D 176 -27.90 2.93 37.79
N LEU D 177 -26.69 3.44 37.60
CA LEU D 177 -26.03 4.27 38.59
C LEU D 177 -25.23 5.34 37.91
N ASP D 178 -24.78 6.29 38.73
CA ASP D 178 -23.93 7.35 38.23
C ASP D 178 -22.50 6.85 38.14
N ILE D 179 -22.09 6.53 36.93
CA ILE D 179 -20.76 5.98 36.69
C ILE D 179 -19.68 7.01 37.01
N SER D 180 -19.98 8.29 36.77
CA SER D 180 -19.00 9.35 37.06
C SER D 180 -18.68 9.48 38.56
N ALA D 181 -19.62 9.08 39.41
CA ALA D 181 -19.41 9.10 40.86
C ALA D 181 -18.38 8.10 41.37
N LEU D 182 -17.99 7.13 40.52
CA LEU D 182 -16.94 6.17 40.85
C LEU D 182 -15.56 6.73 40.64
N LEU D 183 -15.48 7.94 40.06
CA LEU D 183 -14.22 8.52 39.63
C LEU D 183 -13.80 9.66 40.55
N PRO D 184 -12.52 10.02 40.53
CA PRO D 184 -12.01 11.08 41.41
C PRO D 184 -12.59 12.47 41.16
N SER D 185 -12.25 13.36 42.08
CA SER D 185 -12.81 14.70 42.08
C SER D 185 -12.39 15.59 40.91
N ASP D 186 -11.10 15.61 40.60
CA ASP D 186 -10.55 16.58 39.65
C ASP D 186 -10.22 15.93 38.30
N PHE D 187 -11.01 16.27 37.29
CA PHE D 187 -10.84 15.72 35.93
C PHE D 187 -9.73 16.46 35.14
N SER D 188 -9.10 17.47 35.72
CA SER D 188 -8.01 18.19 35.06
C SER D 188 -6.63 17.65 35.42
N ARG D 189 -6.52 16.75 36.40
CA ARG D 189 -5.23 16.27 36.91
C ARG D 189 -5.03 14.77 36.67
N TYR D 190 -4.15 14.46 35.72
CA TYR D 190 -3.95 13.07 35.30
C TYR D 190 -2.61 12.85 34.63
N PHE D 191 -2.21 11.58 34.61
CA PHE D 191 -1.09 11.09 33.83
C PHE D 191 -1.65 10.41 32.57
N GLN D 192 -0.88 10.44 31.49
CA GLN D 192 -1.31 9.81 30.24
C GLN D 192 -0.12 9.24 29.46
N TYR D 193 -0.32 8.05 28.91
CA TYR D 193 0.70 7.40 28.06
C TYR D 193 -0.01 6.39 27.15
N GLU D 194 0.69 5.91 26.14
CA GLU D 194 0.12 4.91 25.24
C GLU D 194 0.72 3.56 25.57
N GLY D 195 -0.13 2.56 25.77
CA GLY D 195 0.31 1.19 26.12
C GLY D 195 -0.64 0.15 25.59
N SER D 196 -1.02 -0.78 26.45
CA SER D 196 -1.65 -2.00 26.00
C SER D 196 -2.77 -2.40 26.92
N LEU D 197 -3.58 -3.35 26.49
CA LEU D 197 -4.41 -4.14 27.40
C LEU D 197 -3.50 -4.88 28.41
N THR D 198 -3.99 -5.09 29.63
CA THR D 198 -3.21 -5.79 30.67
C THR D 198 -3.64 -7.26 30.83
N THR D 199 -4.44 -7.74 29.89
CA THR D 199 -4.89 -9.13 29.80
C THR D 199 -4.74 -9.51 28.30
N PRO D 200 -4.59 -10.81 27.99
CA PRO D 200 -4.61 -11.20 26.56
C PRO D 200 -5.89 -10.74 25.88
N PRO D 201 -5.83 -10.19 24.65
CA PRO D 201 -4.68 -10.32 23.73
C PRO D 201 -3.58 -9.26 23.83
N CYS D 202 -3.56 -8.46 24.89
CA CYS D 202 -2.45 -7.51 25.13
C CYS D 202 -2.21 -6.52 23.96
N ALA D 203 -3.28 -6.17 23.25
CA ALA D 203 -3.22 -5.26 22.10
C ALA D 203 -2.63 -3.93 22.50
N GLN D 204 -1.76 -3.38 21.67
CA GLN D 204 -1.12 -2.09 21.90
C GLN D 204 -1.98 -0.98 21.29
N GLY D 205 -1.56 0.26 21.48
CA GLY D 205 -2.33 1.42 20.98
C GLY D 205 -3.36 1.97 21.97
N VAL D 206 -3.39 1.43 23.17
CA VAL D 206 -4.40 1.83 24.18
C VAL D 206 -3.90 3.12 24.85
N ILE D 207 -4.73 4.17 24.84
CA ILE D 207 -4.38 5.39 25.57
C ILE D 207 -4.84 5.22 27.03
N TRP D 208 -3.88 5.24 27.94
CA TRP D 208 -4.15 5.12 29.38
C TRP D 208 -4.12 6.50 30.01
N THR D 209 -5.17 6.82 30.76
CA THR D 209 -5.25 8.09 31.48
C THR D 209 -5.44 7.68 32.93
N VAL D 210 -4.45 7.98 33.76
CA VAL D 210 -4.45 7.62 35.17
C VAL D 210 -4.64 8.89 36.01
N PHE D 211 -5.76 8.97 36.71
CA PHE D 211 -6.06 10.12 37.58
C PHE D 211 -4.97 10.32 38.63
N ASN D 212 -4.61 11.57 38.90
CA ASN D 212 -3.67 11.92 39.97
C ASN D 212 -4.30 11.62 41.35
N GLN D 213 -5.55 12.02 41.53
CA GLN D 213 -6.26 11.77 42.78
C GLN D 213 -6.85 10.37 42.84
N THR D 214 -6.92 9.85 44.06
CA THR D 214 -7.52 8.53 44.33
C THR D 214 -8.97 8.65 44.76
N VAL D 215 -9.62 7.51 44.85
CA VAL D 215 -10.96 7.38 45.39
C VAL D 215 -10.79 6.53 46.65
N MET D 216 -11.62 6.78 47.66
CA MET D 216 -11.53 6.10 48.96
C MET D 216 -12.69 5.15 49.20
N LEU D 217 -12.36 3.92 49.59
CA LEU D 217 -13.34 2.90 50.02
C LEU D 217 -12.99 2.51 51.45
N SER D 218 -13.98 2.02 52.20
CA SER D 218 -13.73 1.57 53.58
C SER D 218 -12.98 0.26 53.59
N ALA D 219 -12.33 -0.06 54.72
CA ALA D 219 -11.62 -1.33 54.85
C ALA D 219 -12.56 -2.51 54.60
N LYS D 220 -13.80 -2.42 55.08
CA LYS D 220 -14.80 -3.47 54.84
C LYS D 220 -15.10 -3.64 53.35
N GLN D 221 -15.15 -2.52 52.63
CA GLN D 221 -15.42 -2.52 51.19
C GLN D 221 -14.30 -3.18 50.37
N LEU D 222 -13.06 -2.83 50.70
CA LEU D 222 -11.90 -3.43 50.06
C LEU D 222 -11.79 -4.92 50.37
N HIS D 223 -12.07 -5.30 51.62
CA HIS D 223 -12.15 -6.71 51.99
C HIS D 223 -13.24 -7.43 51.18
N THR D 224 -14.42 -6.82 51.05
CA THR D 224 -15.50 -7.38 50.24
C THR D 224 -15.09 -7.59 48.77
N LEU D 225 -14.38 -6.62 48.20
CA LEU D 225 -13.95 -6.69 46.81
C LEU D 225 -13.02 -7.89 46.59
N SER D 226 -12.07 -8.08 47.51
CA SER D 226 -11.01 -9.08 47.37
C SER D 226 -11.33 -10.47 47.94
N ASP D 227 -12.42 -10.62 48.69
CA ASP D 227 -12.73 -11.86 49.43
C ASP D 227 -14.01 -12.55 48.95
N THR D 228 -14.75 -11.95 48.03
CA THR D 228 -16.09 -12.44 47.68
C THR D 228 -16.11 -13.34 46.45
N LEU D 229 -15.33 -13.02 45.43
CA LEU D 229 -15.46 -13.69 44.13
C LEU D 229 -14.51 -14.88 44.01
N TRP D 230 -14.96 -15.89 43.27
CA TRP D 230 -14.16 -17.10 42.98
C TRP D 230 -13.83 -17.14 41.49
N GLY D 231 -12.63 -17.61 41.17
CA GLY D 231 -12.14 -17.70 39.80
C GLY D 231 -11.94 -19.15 39.35
N PRO D 232 -11.02 -19.37 38.39
CA PRO D 232 -10.61 -20.71 38.00
C PRO D 232 -10.05 -21.51 39.18
N GLY D 233 -11.46 -24.13 38.13
CA GLY D 233 -10.90 -24.63 39.40
C GLY D 233 -11.59 -24.05 40.62
N ASP D 234 -10.92 -24.15 41.76
CA ASP D 234 -11.53 -23.86 43.06
C ASP D 234 -11.01 -22.59 43.77
N SER D 235 -10.10 -21.83 43.15
CA SER D 235 -9.40 -20.73 43.84
C SER D 235 -10.17 -19.42 43.86
N ARG D 236 -9.79 -18.55 44.80
CA ARG D 236 -10.37 -17.21 44.93
C ARG D 236 -9.90 -16.30 43.81
N LEU D 237 -10.77 -15.40 43.38
CA LEU D 237 -10.38 -14.37 42.42
C LEU D 237 -9.72 -13.22 43.20
N GLN D 238 -8.40 -13.30 43.27
CA GLN D 238 -7.56 -12.36 44.00
C GLN D 238 -6.32 -12.06 43.22
N LEU D 239 -5.68 -10.94 43.56
CA LEU D 239 -4.38 -10.59 43.02
C LEU D 239 -4.39 -10.59 41.48
N ASN D 240 -5.51 -10.10 40.91
CA ASN D 240 -5.78 -10.12 39.46
C ASN D 240 -5.20 -8.87 38.79
N PHE D 241 -3.90 -8.67 38.99
CA PHE D 241 -3.20 -7.56 38.38
C PHE D 241 -1.98 -8.10 37.65
N ARG D 242 -1.58 -7.39 36.61
CA ARG D 242 -0.41 -7.72 35.83
C ARG D 242 0.79 -6.96 36.37
N ALA D 243 1.97 -7.57 36.33
CA ALA D 243 3.21 -6.89 36.73
C ALA D 243 3.50 -5.67 35.86
N THR D 244 4.18 -4.68 36.43
CA THR D 244 4.51 -3.48 35.68
CA THR D 244 4.59 -3.46 35.73
C THR D 244 5.54 -3.80 34.59
N GLN D 245 5.48 -3.02 33.51
CA GLN D 245 6.19 -3.29 32.28
C GLN D 245 7.13 -2.14 32.00
N PRO D 246 8.27 -2.39 31.33
CA PRO D 246 9.18 -1.30 31.03
C PRO D 246 8.58 -0.25 30.07
N LEU D 247 8.89 1.03 30.33
CA LEU D 247 8.48 2.12 29.47
C LEU D 247 9.09 2.06 28.06
N ASN D 248 10.32 1.53 27.97
CA ASN D 248 11.03 1.39 26.68
C ASN D 248 11.11 2.69 25.88
N GLY D 249 11.39 3.78 26.57
CA GLY D 249 11.52 5.09 25.95
C GLY D 249 10.29 5.98 26.01
N ARG D 250 9.11 5.42 26.27
CA ARG D 250 7.90 6.22 26.43
C ARG D 250 8.08 7.18 27.62
N VAL D 251 7.65 8.43 27.44
CA VAL D 251 7.64 9.42 28.51
C VAL D 251 6.18 9.63 28.94
N ILE D 252 5.90 9.41 30.22
CA ILE D 252 4.55 9.61 30.77
C ILE D 252 4.33 11.12 30.82
N GLU D 253 3.18 11.58 30.30
CA GLU D 253 2.83 13.00 30.33
C GLU D 253 1.91 13.27 31.54
N ALA D 254 1.98 14.49 32.06
CA ALA D 254 1.13 14.93 33.18
C ALA D 254 0.41 16.18 32.75
N SER D 255 -0.86 16.33 33.16
CA SER D 255 -1.68 17.47 32.78
C SER D 255 -1.48 18.69 33.70
N PHE D 256 -0.56 18.57 34.64
CA PHE D 256 -0.33 19.56 35.70
C PHE D 256 1.18 19.63 35.97
N PRO D 257 1.70 20.81 36.38
CA PRO D 257 3.14 20.96 36.67
C PRO D 257 3.54 20.34 38.00
#